data_5I2P
#
_entry.id   5I2P
#
_entity_poly.entity_id   1
_entity_poly.type   'polypeptide(L)'
_entity_poly.pdbx_seq_one_letter_code
;SEDCLGAFSRCSPKNDKCCPNYKCSSKDLWCKYKIW
;
_entity_poly.pdbx_strand_id   A
#
# COMPACT_ATOMS: atom_id res chain seq x y z
N SER A 1 12.26 8.92 -11.61
CA SER A 1 10.93 9.47 -11.36
C SER A 1 9.91 8.35 -11.16
N GLU A 2 9.25 8.35 -10.00
CA GLU A 2 8.25 7.34 -9.70
C GLU A 2 7.06 7.95 -8.96
N ASP A 3 5.93 7.26 -8.99
CA ASP A 3 4.73 7.74 -8.33
C ASP A 3 4.10 6.62 -7.48
N CYS A 4 4.37 6.67 -6.18
CA CYS A 4 3.84 5.67 -5.25
C CYS A 4 2.50 6.11 -4.69
N LEU A 5 1.83 5.21 -3.99
CA LEU A 5 0.53 5.51 -3.38
C LEU A 5 0.68 5.83 -1.90
N GLY A 6 -0.25 6.62 -1.37
CA GLY A 6 -0.21 6.99 0.02
C GLY A 6 -0.89 5.97 0.91
N ALA A 7 -1.48 6.44 2.01
CA ALA A 7 -2.17 5.56 2.95
C ALA A 7 -3.66 5.44 2.59
N PHE A 8 -4.20 4.24 2.76
CA PHE A 8 -5.60 3.99 2.46
C PHE A 8 -5.88 4.21 0.97
N SER A 9 -4.84 4.08 0.16
CA SER A 9 -4.97 4.26 -1.29
C SER A 9 -5.35 2.95 -1.97
N ARG A 10 -6.03 3.05 -3.10
CA ARG A 10 -6.45 1.88 -3.85
C ARG A 10 -5.24 1.05 -4.29
N CYS A 11 -5.29 -0.26 -4.04
CA CYS A 11 -4.20 -1.16 -4.39
C CYS A 11 -4.62 -2.61 -4.22
N SER A 12 -3.88 -3.51 -4.87
CA SER A 12 -4.18 -4.94 -4.79
C SER A 12 -3.06 -5.68 -4.06
N PRO A 13 -3.39 -6.89 -3.57
CA PRO A 13 -2.43 -7.73 -2.84
C PRO A 13 -1.35 -8.29 -3.76
N LYS A 14 -1.71 -8.54 -5.00
CA LYS A 14 -0.77 -9.08 -5.99
C LYS A 14 0.00 -7.95 -6.67
N ASN A 15 -0.68 -6.84 -6.93
CA ASN A 15 -0.06 -5.70 -7.59
C ASN A 15 0.08 -4.53 -6.61
N ASP A 16 0.41 -4.84 -5.37
CA ASP A 16 0.58 -3.82 -4.34
C ASP A 16 1.64 -2.80 -4.76
N LYS A 17 1.20 -1.62 -5.14
CA LYS A 17 2.11 -0.56 -5.55
C LYS A 17 1.95 0.68 -4.66
N CYS A 18 2.39 0.54 -3.42
CA CYS A 18 2.30 1.65 -2.46
C CYS A 18 3.69 2.03 -1.94
N CYS A 19 3.81 3.25 -1.45
CA CYS A 19 5.07 3.75 -0.92
C CYS A 19 5.71 2.72 0.01
N PRO A 20 7.01 2.90 0.29
CA PRO A 20 7.76 2.00 1.18
C PRO A 20 7.33 2.12 2.63
N ASN A 21 7.70 1.14 3.45
CA ASN A 21 7.35 1.14 4.86
C ASN A 21 5.84 0.99 5.06
N TYR A 22 5.17 0.50 4.02
CA TYR A 22 3.72 0.31 4.07
C TYR A 22 3.35 -1.15 3.80
N LYS A 23 2.06 -1.42 3.75
CA LYS A 23 1.58 -2.77 3.50
C LYS A 23 0.20 -2.74 2.84
N CYS A 24 -0.04 -3.69 1.94
CA CYS A 24 -1.32 -3.78 1.23
C CYS A 24 -2.10 -5.01 1.67
N SER A 25 -3.15 -4.79 2.46
CA SER A 25 -3.97 -5.89 2.95
C SER A 25 -5.15 -6.15 2.01
N SER A 26 -5.41 -7.42 1.72
CA SER A 26 -6.50 -7.79 0.84
C SER A 26 -7.85 -7.52 1.50
N LYS A 27 -7.85 -7.45 2.83
CA LYS A 27 -9.07 -7.20 3.58
C LYS A 27 -9.80 -5.97 3.04
N ASP A 28 -9.14 -4.82 3.11
CA ASP A 28 -9.72 -3.58 2.61
C ASP A 28 -9.18 -3.22 1.24
N LEU A 29 -8.10 -3.89 0.83
CA LEU A 29 -7.48 -3.64 -0.46
C LEU A 29 -6.93 -2.22 -0.54
N TRP A 30 -6.27 -1.79 0.52
CA TRP A 30 -5.69 -0.45 0.57
C TRP A 30 -4.30 -0.48 1.18
N CYS A 31 -3.72 0.70 1.39
CA CYS A 31 -2.39 0.81 1.97
C CYS A 31 -2.46 1.11 3.46
N LYS A 32 -1.61 0.44 4.23
CA LYS A 32 -1.57 0.63 5.68
C LYS A 32 -0.14 0.73 6.17
N TYR A 33 0.05 1.49 7.26
CA TYR A 33 1.38 1.67 7.83
C TYR A 33 1.79 0.44 8.66
N LYS A 34 3.01 -0.02 8.43
CA LYS A 34 3.53 -1.19 9.15
C LYS A 34 4.99 -0.99 9.52
N ILE A 35 5.38 -1.46 10.70
CA ILE A 35 6.75 -1.34 11.17
C ILE A 35 7.21 -2.62 11.86
N TRP A 36 8.34 -3.16 11.40
CA TRP A 36 8.88 -4.39 11.98
C TRP A 36 10.06 -4.07 12.91
N SER A 1 12.20 11.93 -8.37
CA SER A 1 10.83 11.85 -7.89
C SER A 1 10.34 10.40 -7.86
N GLU A 2 9.35 10.15 -7.01
CA GLU A 2 8.79 8.80 -6.89
C GLU A 2 7.26 8.84 -7.01
N ASP A 3 6.72 7.93 -7.83
CA ASP A 3 5.28 7.86 -8.03
C ASP A 3 4.69 6.64 -7.33
N CYS A 4 4.32 6.81 -6.06
CA CYS A 4 3.75 5.73 -5.29
C CYS A 4 2.41 6.13 -4.68
N LEU A 5 1.76 5.19 -4.01
CA LEU A 5 0.46 5.46 -3.39
C LEU A 5 0.63 5.77 -1.91
N GLY A 6 -0.32 6.53 -1.37
CA GLY A 6 -0.26 6.89 0.04
C GLY A 6 -0.97 5.88 0.93
N ALA A 7 -1.55 6.36 2.03
CA ALA A 7 -2.25 5.50 2.96
C ALA A 7 -3.73 5.39 2.60
N PHE A 8 -4.30 4.22 2.82
CA PHE A 8 -5.71 3.98 2.51
C PHE A 8 -5.98 4.20 1.02
N SER A 9 -4.95 4.04 0.21
CA SER A 9 -5.08 4.23 -1.24
C SER A 9 -5.42 2.91 -1.92
N ARG A 10 -6.09 3.00 -3.06
CA ARG A 10 -6.49 1.82 -3.82
C ARG A 10 -5.26 1.01 -4.24
N CYS A 11 -5.34 -0.31 -4.03
CA CYS A 11 -4.24 -1.19 -4.37
C CYS A 11 -4.63 -2.65 -4.18
N SER A 12 -3.97 -3.54 -4.90
CA SER A 12 -4.25 -4.98 -4.81
C SER A 12 -3.12 -5.71 -4.10
N PRO A 13 -3.42 -6.92 -3.60
CA PRO A 13 -2.43 -7.74 -2.89
C PRO A 13 -1.37 -8.30 -3.83
N LYS A 14 -1.77 -8.57 -5.07
CA LYS A 14 -0.86 -9.10 -6.07
C LYS A 14 -0.09 -7.98 -6.76
N ASN A 15 -0.77 -6.87 -7.01
CA ASN A 15 -0.15 -5.72 -7.66
C ASN A 15 0.02 -4.56 -6.69
N ASP A 16 0.36 -4.88 -5.44
CA ASP A 16 0.54 -3.86 -4.41
C ASP A 16 1.62 -2.86 -4.84
N LYS A 17 1.18 -1.65 -5.19
CA LYS A 17 2.11 -0.60 -5.61
C LYS A 17 1.96 0.63 -4.72
N CYS A 18 2.39 0.51 -3.47
CA CYS A 18 2.31 1.61 -2.53
C CYS A 18 3.70 1.99 -2.01
N CYS A 19 3.83 3.21 -1.51
CA CYS A 19 5.11 3.69 -0.98
C CYS A 19 5.72 2.66 -0.04
N PRO A 20 7.02 2.83 0.24
CA PRO A 20 7.76 1.92 1.12
C PRO A 20 7.33 2.07 2.59
N ASN A 21 7.68 1.08 3.40
CA ASN A 21 7.33 1.09 4.81
C ASN A 21 5.82 0.96 5.00
N TYR A 22 5.14 0.47 3.97
CA TYR A 22 3.70 0.30 4.02
C TYR A 22 3.31 -1.16 3.77
N LYS A 23 2.01 -1.41 3.71
CA LYS A 23 1.51 -2.77 3.48
C LYS A 23 0.15 -2.73 2.78
N CYS A 24 -0.08 -3.68 1.89
CA CYS A 24 -1.34 -3.76 1.16
C CYS A 24 -2.15 -4.98 1.61
N SER A 25 -3.11 -4.75 2.50
CA SER A 25 -3.95 -5.82 3.01
C SER A 25 -5.12 -6.09 2.05
N SER A 26 -5.34 -7.36 1.75
CA SER A 26 -6.42 -7.75 0.84
C SER A 26 -7.78 -7.52 1.51
N LYS A 27 -7.79 -7.51 2.83
CA LYS A 27 -9.02 -7.29 3.58
C LYS A 27 -9.75 -6.04 3.10
N ASP A 28 -9.09 -4.90 3.21
CA ASP A 28 -9.68 -3.64 2.78
C ASP A 28 -9.20 -3.26 1.38
N LEU A 29 -8.15 -3.94 0.93
CA LEU A 29 -7.59 -3.67 -0.40
C LEU A 29 -7.04 -2.26 -0.49
N TRP A 30 -6.35 -1.83 0.57
CA TRP A 30 -5.77 -0.49 0.61
C TRP A 30 -4.36 -0.52 1.19
N CYS A 31 -3.79 0.65 1.40
CA CYS A 31 -2.44 0.76 1.96
C CYS A 31 -2.49 1.09 3.44
N LYS A 32 -1.59 0.46 4.20
CA LYS A 32 -1.52 0.70 5.65
C LYS A 32 -0.09 0.86 6.11
N TYR A 33 0.11 1.64 7.16
CA TYR A 33 1.44 1.88 7.70
C TYR A 33 1.89 0.71 8.59
N LYS A 34 3.10 0.24 8.35
CA LYS A 34 3.65 -0.87 9.12
C LYS A 34 5.11 -0.60 9.50
N ILE A 35 5.49 -1.03 10.70
CA ILE A 35 6.84 -0.83 11.19
C ILE A 35 7.36 -2.08 11.89
N TRP A 36 8.52 -2.56 11.47
CA TRP A 36 9.13 -3.75 12.06
C TRP A 36 9.97 -3.38 13.27
N SER A 1 8.78 13.72 -7.95
CA SER A 1 9.67 12.73 -8.52
C SER A 1 9.26 11.33 -8.09
N GLU A 2 8.69 11.22 -6.89
CA GLU A 2 8.26 9.93 -6.36
C GLU A 2 6.83 9.62 -6.80
N ASP A 3 6.65 8.45 -7.41
CA ASP A 3 5.33 8.03 -7.89
C ASP A 3 4.87 6.77 -7.16
N CYS A 4 4.26 6.97 -5.99
CA CYS A 4 3.77 5.84 -5.20
C CYS A 4 2.46 6.19 -4.52
N LEU A 5 1.65 5.18 -4.23
CA LEU A 5 0.37 5.38 -3.57
C LEU A 5 0.56 5.70 -2.09
N GLY A 6 -0.34 6.52 -1.55
CA GLY A 6 -0.25 6.88 -0.15
C GLY A 6 -0.93 5.86 0.76
N ALA A 7 -1.46 6.34 1.88
CA ALA A 7 -2.15 5.48 2.83
C ALA A 7 -3.64 5.36 2.50
N PHE A 8 -4.20 4.18 2.74
CA PHE A 8 -5.61 3.94 2.47
C PHE A 8 -5.93 4.16 1.00
N SER A 9 -4.91 4.02 0.15
CA SER A 9 -5.08 4.20 -1.28
C SER A 9 -5.45 2.89 -1.96
N ARG A 10 -6.17 2.97 -3.08
CA ARG A 10 -6.58 1.79 -3.81
C ARG A 10 -5.37 0.99 -4.27
N CYS A 11 -5.38 -0.31 -3.96
CA CYS A 11 -4.29 -1.20 -4.35
C CYS A 11 -4.68 -2.66 -4.15
N SER A 12 -4.01 -3.55 -4.89
CA SER A 12 -4.29 -4.97 -4.79
C SER A 12 -3.16 -5.71 -4.09
N PRO A 13 -3.46 -6.91 -3.59
CA PRO A 13 -2.48 -7.74 -2.88
C PRO A 13 -1.41 -8.29 -3.81
N LYS A 14 -1.79 -8.56 -5.06
CA LYS A 14 -0.86 -9.08 -6.04
C LYS A 14 -0.10 -7.96 -6.74
N ASN A 15 -0.79 -6.85 -6.99
CA ASN A 15 -0.18 -5.70 -7.64
C ASN A 15 -0.03 -4.54 -6.67
N ASP A 16 0.31 -4.85 -5.42
CA ASP A 16 0.49 -3.83 -4.40
C ASP A 16 1.56 -2.82 -4.81
N LYS A 17 1.12 -1.63 -5.19
CA LYS A 17 2.03 -0.58 -5.62
C LYS A 17 1.90 0.65 -4.71
N CYS A 18 2.34 0.51 -3.47
CA CYS A 18 2.28 1.61 -2.50
C CYS A 18 3.67 1.97 -2.01
N CYS A 19 3.80 3.20 -1.49
CA CYS A 19 5.09 3.68 -0.99
C CYS A 19 5.72 2.63 -0.06
N PRO A 20 7.02 2.80 0.20
CA PRO A 20 7.78 1.90 1.08
C PRO A 20 7.36 2.02 2.54
N ASN A 21 7.72 1.02 3.34
CA ASN A 21 7.39 1.01 4.75
C ASN A 21 5.88 0.89 4.96
N TYR A 22 5.20 0.39 3.94
CA TYR A 22 3.75 0.22 4.00
C TYR A 22 3.36 -1.23 3.76
N LYS A 23 2.05 -1.49 3.72
CA LYS A 23 1.55 -2.84 3.48
C LYS A 23 0.17 -2.80 2.83
N CYS A 24 -0.07 -3.74 1.91
CA CYS A 24 -1.33 -3.81 1.21
C CYS A 24 -2.12 -5.05 1.64
N SER A 25 -3.13 -4.83 2.48
CA SER A 25 -3.96 -5.93 2.97
C SER A 25 -5.15 -6.18 2.05
N SER A 26 -5.40 -7.45 1.74
CA SER A 26 -6.49 -7.82 0.86
C SER A 26 -7.85 -7.56 1.53
N LYS A 27 -7.83 -7.52 2.86
CA LYS A 27 -9.05 -7.29 3.63
C LYS A 27 -9.78 -6.04 3.12
N ASP A 28 -9.11 -4.90 3.21
CA ASP A 28 -9.69 -3.63 2.75
C ASP A 28 -9.19 -3.28 1.37
N LEU A 29 -8.14 -3.95 0.92
CA LEU A 29 -7.56 -3.69 -0.40
C LEU A 29 -7.00 -2.27 -0.49
N TRP A 30 -6.32 -1.83 0.57
CA TRP A 30 -5.74 -0.50 0.60
C TRP A 30 -4.34 -0.53 1.19
N CYS A 31 -3.76 0.65 1.39
CA CYS A 31 -2.41 0.75 1.95
C CYS A 31 -2.47 1.06 3.44
N LYS A 32 -1.59 0.41 4.21
CA LYS A 32 -1.52 0.61 5.65
C LYS A 32 -0.09 0.80 6.11
N TYR A 33 0.12 1.73 7.03
CA TYR A 33 1.45 2.01 7.56
C TYR A 33 1.88 0.93 8.55
N LYS A 34 3.09 0.41 8.36
CA LYS A 34 3.62 -0.63 9.24
C LYS A 34 5.07 -0.33 9.61
N ILE A 35 5.42 -0.61 10.86
CA ILE A 35 6.77 -0.38 11.35
C ILE A 35 7.24 -1.51 12.25
N TRP A 36 8.39 -2.09 11.91
CA TRP A 36 8.95 -3.19 12.69
C TRP A 36 10.41 -2.94 13.02
N SER A 1 12.17 11.17 -9.39
CA SER A 1 10.73 11.22 -9.59
C SER A 1 10.08 9.90 -9.22
N GLU A 2 9.50 9.85 -8.03
CA GLU A 2 8.83 8.63 -7.55
C GLU A 2 7.32 8.79 -7.60
N ASP A 3 6.64 7.74 -8.07
CA ASP A 3 5.18 7.76 -8.17
C ASP A 3 4.58 6.58 -7.42
N CYS A 4 4.35 6.76 -6.12
CA CYS A 4 3.78 5.71 -5.29
C CYS A 4 2.41 6.11 -4.77
N LEU A 5 1.77 5.22 -4.01
CA LEU A 5 0.46 5.49 -3.44
C LEU A 5 0.58 5.90 -1.98
N GLY A 6 -0.50 6.47 -1.44
CA GLY A 6 -0.49 6.90 -0.05
C GLY A 6 -1.25 5.93 0.84
N ALA A 7 -1.52 6.36 2.07
CA ALA A 7 -2.23 5.53 3.03
C ALA A 7 -3.71 5.41 2.66
N PHE A 8 -4.26 4.21 2.83
CA PHE A 8 -5.66 3.97 2.51
C PHE A 8 -5.93 4.20 1.02
N SER A 9 -4.88 4.05 0.22
CA SER A 9 -5.00 4.24 -1.23
C SER A 9 -5.36 2.92 -1.91
N ARG A 10 -6.05 3.03 -3.05
CA ARG A 10 -6.45 1.85 -3.81
C ARG A 10 -5.23 1.03 -4.24
N CYS A 11 -5.31 -0.28 -4.03
CA CYS A 11 -4.22 -1.17 -4.39
C CYS A 11 -4.62 -2.63 -4.19
N SER A 12 -3.96 -3.53 -4.92
CA SER A 12 -4.26 -4.95 -4.83
C SER A 12 -3.13 -5.69 -4.11
N PRO A 13 -3.45 -6.90 -3.60
CA PRO A 13 -2.48 -7.73 -2.88
C PRO A 13 -1.41 -8.29 -3.80
N LYS A 14 -1.78 -8.55 -5.05
CA LYS A 14 -0.84 -9.10 -6.03
C LYS A 14 -0.08 -7.97 -6.73
N ASN A 15 -0.77 -6.87 -7.00
CA ASN A 15 -0.17 -5.73 -7.66
C ASN A 15 0.01 -4.56 -6.70
N ASP A 16 0.34 -4.86 -5.45
CA ASP A 16 0.52 -3.84 -4.43
C ASP A 16 1.60 -2.85 -4.85
N LYS A 17 1.18 -1.62 -5.14
CA LYS A 17 2.10 -0.58 -5.56
C LYS A 17 1.98 0.66 -4.67
N CYS A 18 2.40 0.53 -3.42
CA CYS A 18 2.33 1.62 -2.47
C CYS A 18 3.73 1.98 -1.95
N CYS A 19 3.86 3.20 -1.45
CA CYS A 19 5.14 3.68 -0.91
C CYS A 19 5.75 2.64 0.02
N PRO A 20 7.05 2.80 0.30
CA PRO A 20 7.79 1.89 1.18
C PRO A 20 7.37 2.02 2.64
N ASN A 21 7.71 1.02 3.45
CA ASN A 21 7.35 1.04 4.86
C ASN A 21 5.84 0.92 5.05
N TYR A 22 5.16 0.43 4.02
CA TYR A 22 3.72 0.27 4.07
C TYR A 22 3.32 -1.19 3.82
N LYS A 23 2.02 -1.44 3.76
CA LYS A 23 1.51 -2.78 3.53
C LYS A 23 0.16 -2.74 2.83
N CYS A 24 -0.07 -3.68 1.93
CA CYS A 24 -1.32 -3.76 1.19
C CYS A 24 -2.12 -4.99 1.60
N SER A 25 -3.09 -4.78 2.49
CA SER A 25 -3.93 -5.87 2.98
C SER A 25 -5.10 -6.12 2.03
N SER A 26 -5.32 -7.39 1.70
CA SER A 26 -6.41 -7.76 0.79
C SER A 26 -7.76 -7.53 1.45
N LYS A 27 -7.78 -7.51 2.78
CA LYS A 27 -9.00 -7.31 3.53
C LYS A 27 -9.73 -6.06 3.04
N ASP A 28 -9.08 -4.91 3.17
CA ASP A 28 -9.66 -3.64 2.75
C ASP A 28 -9.17 -3.26 1.35
N LEU A 29 -8.11 -3.93 0.90
CA LEU A 29 -7.55 -3.65 -0.42
C LEU A 29 -7.00 -2.23 -0.49
N TRP A 30 -6.32 -1.80 0.56
CA TRP A 30 -5.74 -0.47 0.61
C TRP A 30 -4.34 -0.51 1.20
N CYS A 31 -3.77 0.68 1.42
CA CYS A 31 -2.42 0.78 1.98
C CYS A 31 -2.47 1.09 3.47
N LYS A 32 -1.58 0.47 4.23
CA LYS A 32 -1.52 0.68 5.68
C LYS A 32 -0.08 0.84 6.14
N TYR A 33 0.11 1.66 7.17
CA TYR A 33 1.44 1.91 7.71
C TYR A 33 1.88 0.76 8.63
N LYS A 34 3.09 0.27 8.41
CA LYS A 34 3.63 -0.82 9.20
C LYS A 34 5.12 -0.61 9.47
N ILE A 35 5.49 -0.62 10.75
CA ILE A 35 6.88 -0.44 11.14
C ILE A 35 7.30 -1.46 12.19
N TRP A 36 8.04 -2.48 11.76
CA TRP A 36 8.51 -3.52 12.67
C TRP A 36 9.43 -2.95 13.74
N SER A 1 11.94 10.33 -11.25
CA SER A 1 10.50 10.30 -11.39
C SER A 1 9.90 9.12 -10.64
N GLU A 2 9.42 9.38 -9.42
CA GLU A 2 8.82 8.34 -8.59
C GLU A 2 7.37 8.66 -8.27
N ASP A 3 6.50 7.67 -8.41
CA ASP A 3 5.08 7.86 -8.13
C ASP A 3 4.52 6.66 -7.36
N CYS A 4 4.32 6.83 -6.07
CA CYS A 4 3.79 5.78 -5.21
C CYS A 4 2.44 6.16 -4.63
N LEU A 5 1.79 5.22 -3.95
CA LEU A 5 0.49 5.47 -3.34
C LEU A 5 0.64 5.78 -1.85
N GLY A 6 -0.27 6.58 -1.32
CA GLY A 6 -0.23 6.93 0.09
C GLY A 6 -0.94 5.92 0.96
N ALA A 7 -1.53 6.38 2.06
CA ALA A 7 -2.24 5.50 2.98
C ALA A 7 -3.71 5.40 2.61
N PHE A 8 -4.28 4.22 2.80
CA PHE A 8 -5.69 3.98 2.49
C PHE A 8 -5.96 4.20 1.01
N SER A 9 -4.92 4.04 0.19
CA SER A 9 -5.04 4.23 -1.25
C SER A 9 -5.40 2.90 -1.94
N ARG A 10 -6.08 3.00 -3.08
CA ARG A 10 -6.48 1.82 -3.83
C ARG A 10 -5.25 1.01 -4.25
N CYS A 11 -5.33 -0.31 -4.04
CA CYS A 11 -4.23 -1.19 -4.39
C CYS A 11 -4.63 -2.65 -4.19
N SER A 12 -3.97 -3.55 -4.92
CA SER A 12 -4.26 -4.98 -4.83
C SER A 12 -3.13 -5.72 -4.12
N PRO A 13 -3.43 -6.91 -3.60
CA PRO A 13 -2.44 -7.74 -2.90
C PRO A 13 -1.38 -8.31 -3.83
N LYS A 14 -1.78 -8.57 -5.07
CA LYS A 14 -0.85 -9.11 -6.07
C LYS A 14 -0.08 -7.99 -6.76
N ASN A 15 -0.75 -6.87 -7.00
CA ASN A 15 -0.13 -5.73 -7.65
C ASN A 15 0.02 -4.56 -6.67
N ASP A 16 0.39 -4.88 -5.44
CA ASP A 16 0.57 -3.87 -4.41
C ASP A 16 1.65 -2.85 -4.83
N LYS A 17 1.22 -1.65 -5.18
CA LYS A 17 2.15 -0.61 -5.60
C LYS A 17 2.00 0.63 -4.72
N CYS A 18 2.42 0.50 -3.47
CA CYS A 18 2.34 1.61 -2.51
C CYS A 18 3.72 1.99 -1.99
N CYS A 19 3.84 3.21 -1.49
CA CYS A 19 5.12 3.69 -0.96
C CYS A 19 5.73 2.66 -0.02
N PRO A 20 7.03 2.83 0.27
CA PRO A 20 7.76 1.93 1.17
C PRO A 20 7.33 2.07 2.62
N ASN A 21 7.68 1.08 3.43
CA ASN A 21 7.32 1.09 4.84
C ASN A 21 5.81 0.96 5.03
N TYR A 22 5.14 0.48 3.99
CA TYR A 22 3.69 0.29 4.03
C TYR A 22 3.31 -1.16 3.78
N LYS A 23 2.01 -1.42 3.71
CA LYS A 23 1.51 -2.77 3.48
C LYS A 23 0.15 -2.73 2.78
N CYS A 24 -0.07 -3.69 1.89
CA CYS A 24 -1.34 -3.76 1.16
C CYS A 24 -2.15 -4.98 1.60
N SER A 25 -3.11 -4.76 2.49
CA SER A 25 -3.95 -5.83 2.99
C SER A 25 -5.13 -6.10 2.05
N SER A 26 -5.34 -7.37 1.73
CA SER A 26 -6.44 -7.76 0.83
C SER A 26 -7.79 -7.52 1.50
N LYS A 27 -7.80 -7.50 2.83
CA LYS A 27 -9.02 -7.28 3.58
C LYS A 27 -9.76 -6.04 3.09
N ASP A 28 -9.10 -4.89 3.20
CA ASP A 28 -9.68 -3.62 2.77
C ASP A 28 -9.20 -3.26 1.36
N LEU A 29 -8.15 -3.93 0.91
CA LEU A 29 -7.58 -3.67 -0.41
C LEU A 29 -7.03 -2.25 -0.50
N TRP A 30 -6.34 -1.82 0.56
CA TRP A 30 -5.76 -0.49 0.60
C TRP A 30 -4.35 -0.53 1.18
N CYS A 31 -3.77 0.65 1.39
CA CYS A 31 -2.43 0.76 1.95
C CYS A 31 -2.49 1.09 3.44
N LYS A 32 -1.59 0.46 4.20
CA LYS A 32 -1.53 0.70 5.64
C LYS A 32 -0.08 0.85 6.11
N TYR A 33 0.11 1.63 7.17
CA TYR A 33 1.44 1.88 7.71
C TYR A 33 1.88 0.71 8.60
N LYS A 34 3.08 0.22 8.36
CA LYS A 34 3.62 -0.89 9.14
C LYS A 34 5.07 -0.63 9.52
N ILE A 35 5.44 -1.01 10.75
CA ILE A 35 6.80 -0.82 11.23
C ILE A 35 7.26 -2.01 12.05
N TRP A 36 8.39 -2.59 11.66
CA TRP A 36 8.95 -3.75 12.35
C TRP A 36 9.86 -3.30 13.49
N SER A 1 11.43 12.28 -8.86
CA SER A 1 10.51 11.59 -9.76
C SER A 1 9.97 10.32 -9.12
N GLU A 2 9.29 10.48 -7.99
CA GLU A 2 8.71 9.35 -7.27
C GLU A 2 7.21 9.26 -7.49
N ASP A 3 6.74 8.07 -7.84
CA ASP A 3 5.32 7.85 -8.09
C ASP A 3 4.81 6.64 -7.31
N CYS A 4 4.26 6.89 -6.13
CA CYS A 4 3.73 5.82 -5.29
C CYS A 4 2.37 6.19 -4.73
N LEU A 5 1.70 5.21 -4.11
CA LEU A 5 0.38 5.42 -3.54
C LEU A 5 0.48 5.80 -2.07
N GLY A 6 -0.49 6.56 -1.58
CA GLY A 6 -0.49 6.97 -0.19
C GLY A 6 -1.21 5.97 0.71
N ALA A 7 -1.43 6.36 1.96
CA ALA A 7 -2.10 5.50 2.92
C ALA A 7 -3.59 5.40 2.60
N PHE A 8 -4.14 4.20 2.78
CA PHE A 8 -5.56 3.97 2.52
C PHE A 8 -5.88 4.19 1.05
N SER A 9 -4.85 4.06 0.20
CA SER A 9 -5.03 4.25 -1.24
C SER A 9 -5.40 2.92 -1.92
N ARG A 10 -6.10 3.03 -3.04
CA ARG A 10 -6.52 1.84 -3.78
C ARG A 10 -5.31 1.02 -4.23
N CYS A 11 -5.38 -0.29 -4.01
CA CYS A 11 -4.30 -1.18 -4.38
C CYS A 11 -4.70 -2.64 -4.18
N SER A 12 -3.97 -3.55 -4.81
CA SER A 12 -4.25 -4.97 -4.70
C SER A 12 -3.07 -5.72 -4.06
N PRO A 13 -3.36 -6.91 -3.53
CA PRO A 13 -2.34 -7.74 -2.88
C PRO A 13 -1.33 -8.31 -3.88
N LYS A 14 -1.79 -8.58 -5.10
CA LYS A 14 -0.93 -9.11 -6.14
C LYS A 14 -0.13 -8.00 -6.81
N ASN A 15 -0.76 -6.85 -6.99
CA ASN A 15 -0.12 -5.71 -7.62
C ASN A 15 0.02 -4.54 -6.65
N ASP A 16 0.41 -4.86 -5.41
CA ASP A 16 0.57 -3.84 -4.38
C ASP A 16 1.63 -2.83 -4.79
N LYS A 17 1.19 -1.63 -5.17
CA LYS A 17 2.10 -0.57 -5.57
C LYS A 17 1.95 0.66 -4.69
N CYS A 18 2.38 0.53 -3.43
CA CYS A 18 2.29 1.62 -2.47
C CYS A 18 3.68 2.00 -1.95
N CYS A 19 3.80 3.22 -1.45
CA CYS A 19 5.07 3.71 -0.92
C CYS A 19 5.70 2.67 0.01
N PRO A 20 7.00 2.86 0.29
CA PRO A 20 7.75 1.94 1.16
C PRO A 20 7.33 2.06 2.63
N ASN A 21 7.69 1.06 3.43
CA ASN A 21 7.34 1.06 4.84
C ASN A 21 5.84 0.91 5.03
N TYR A 22 5.16 0.43 3.99
CA TYR A 22 3.72 0.24 4.04
C TYR A 22 3.35 -1.21 3.76
N LYS A 23 2.05 -1.49 3.69
CA LYS A 23 1.57 -2.84 3.42
C LYS A 23 0.19 -2.80 2.77
N CYS A 24 -0.07 -3.74 1.87
CA CYS A 24 -1.34 -3.82 1.17
C CYS A 24 -2.12 -5.05 1.61
N SER A 25 -3.13 -4.85 2.45
CA SER A 25 -3.96 -5.95 2.94
C SER A 25 -5.16 -6.18 2.02
N SER A 26 -5.42 -7.45 1.71
CA SER A 26 -6.54 -7.81 0.84
C SER A 26 -7.87 -7.55 1.54
N LYS A 27 -7.84 -7.49 2.86
CA LYS A 27 -9.04 -7.23 3.64
C LYS A 27 -9.78 -5.99 3.14
N ASP A 28 -9.11 -4.85 3.19
CA ASP A 28 -9.69 -3.60 2.74
C ASP A 28 -9.18 -3.23 1.35
N LEU A 29 -8.12 -3.91 0.92
CA LEU A 29 -7.54 -3.65 -0.39
C LEU A 29 -6.98 -2.23 -0.47
N TRP A 30 -6.30 -1.81 0.58
CA TRP A 30 -5.71 -0.47 0.62
C TRP A 30 -4.31 -0.51 1.21
N CYS A 31 -3.73 0.66 1.42
CA CYS A 31 -2.38 0.76 1.98
C CYS A 31 -2.43 1.05 3.48
N LYS A 32 -1.58 0.37 4.23
CA LYS A 32 -1.53 0.55 5.68
C LYS A 32 -0.09 0.73 6.16
N TYR A 33 0.10 1.62 7.13
CA TYR A 33 1.43 1.88 7.67
C TYR A 33 1.88 0.76 8.58
N LYS A 34 3.09 0.25 8.35
CA LYS A 34 3.64 -0.83 9.16
C LYS A 34 5.08 -0.52 9.57
N ILE A 35 5.43 -0.87 10.81
CA ILE A 35 6.76 -0.63 11.32
C ILE A 35 7.36 -1.91 11.91
N TRP A 36 8.55 -2.27 11.44
CA TRP A 36 9.23 -3.47 11.93
C TRP A 36 10.10 -3.16 13.14
N SER A 1 11.49 10.15 -11.63
CA SER A 1 10.58 10.66 -10.62
C SER A 1 9.97 9.52 -9.81
N GLU A 2 9.54 9.82 -8.59
CA GLU A 2 8.93 8.82 -7.72
C GLU A 2 7.42 8.92 -7.77
N ASP A 3 6.76 7.78 -7.98
CA ASP A 3 5.31 7.73 -8.04
C ASP A 3 4.77 6.51 -7.30
N CYS A 4 4.25 6.75 -6.09
CA CYS A 4 3.71 5.68 -5.28
C CYS A 4 2.33 6.06 -4.72
N LEU A 5 1.70 5.12 -4.02
CA LEU A 5 0.38 5.36 -3.45
C LEU A 5 0.48 5.72 -1.97
N GLY A 6 -0.44 6.53 -1.49
CA GLY A 6 -0.44 6.94 -0.10
C GLY A 6 -1.15 5.95 0.79
N ALA A 7 -1.53 6.39 1.99
CA ALA A 7 -2.22 5.53 2.94
C ALA A 7 -3.71 5.41 2.58
N PHE A 8 -4.27 4.23 2.79
CA PHE A 8 -5.67 3.99 2.49
C PHE A 8 -5.96 4.20 1.01
N SER A 9 -4.92 4.05 0.18
CA SER A 9 -5.07 4.23 -1.26
C SER A 9 -5.43 2.91 -1.94
N ARG A 10 -6.13 3.01 -3.06
CA ARG A 10 -6.54 1.82 -3.81
C ARG A 10 -5.32 1.02 -4.26
N CYS A 11 -5.34 -0.28 -3.98
CA CYS A 11 -4.25 -1.17 -4.35
C CYS A 11 -4.64 -2.63 -4.15
N SER A 12 -3.98 -3.51 -4.90
CA SER A 12 -4.25 -4.94 -4.81
C SER A 12 -3.12 -5.67 -4.11
N PRO A 13 -3.42 -6.88 -3.60
CA PRO A 13 -2.43 -7.71 -2.90
C PRO A 13 -1.37 -8.26 -3.83
N LYS A 14 -1.76 -8.52 -5.08
CA LYS A 14 -0.83 -9.04 -6.07
C LYS A 14 -0.07 -7.92 -6.77
N ASN A 15 -0.76 -6.81 -7.01
CA ASN A 15 -0.15 -5.66 -7.67
C ASN A 15 0.00 -4.50 -6.69
N ASP A 16 0.34 -4.82 -5.44
CA ASP A 16 0.53 -3.81 -4.42
C ASP A 16 1.60 -2.81 -4.83
N LYS A 17 1.18 -1.59 -5.17
CA LYS A 17 2.11 -0.55 -5.57
C LYS A 17 1.97 0.68 -4.68
N CYS A 18 2.39 0.55 -3.43
CA CYS A 18 2.32 1.65 -2.47
C CYS A 18 3.71 2.01 -1.96
N CYS A 19 3.84 3.23 -1.46
CA CYS A 19 5.12 3.70 -0.92
C CYS A 19 5.74 2.67 0.01
N PRO A 20 7.05 2.83 0.29
CA PRO A 20 7.78 1.92 1.17
C PRO A 20 7.36 2.05 2.63
N ASN A 21 7.70 1.05 3.43
CA ASN A 21 7.35 1.05 4.85
C ASN A 21 5.85 0.93 5.04
N TYR A 22 5.17 0.44 4.01
CA TYR A 22 3.71 0.28 4.06
C TYR A 22 3.33 -1.18 3.81
N LYS A 23 2.03 -1.43 3.75
CA LYS A 23 1.52 -2.78 3.52
C LYS A 23 0.16 -2.74 2.83
N CYS A 24 -0.06 -3.69 1.92
CA CYS A 24 -1.32 -3.76 1.19
C CYS A 24 -2.11 -5.00 1.61
N SER A 25 -3.09 -4.79 2.50
CA SER A 25 -3.91 -5.89 2.98
C SER A 25 -5.09 -6.13 2.05
N SER A 26 -5.34 -7.40 1.72
CA SER A 26 -6.42 -7.76 0.82
C SER A 26 -7.77 -7.53 1.50
N LYS A 27 -7.77 -7.52 2.82
CA LYS A 27 -9.00 -7.29 3.59
C LYS A 27 -9.72 -6.05 3.10
N ASP A 28 -9.06 -4.90 3.22
CA ASP A 28 -9.65 -3.64 2.79
C ASP A 28 -9.17 -3.26 1.39
N LEU A 29 -8.11 -3.93 0.93
CA LEU A 29 -7.55 -3.66 -0.39
C LEU A 29 -7.01 -2.24 -0.48
N TRP A 30 -6.32 -1.81 0.58
CA TRP A 30 -5.75 -0.47 0.62
C TRP A 30 -4.34 -0.49 1.20
N CYS A 31 -3.77 0.68 1.42
CA CYS A 31 -2.42 0.79 1.97
C CYS A 31 -2.46 1.11 3.46
N LYS A 32 -1.60 0.46 4.22
CA LYS A 32 -1.54 0.67 5.67
C LYS A 32 -0.10 0.83 6.13
N TYR A 33 0.09 1.65 7.16
CA TYR A 33 1.43 1.88 7.71
C TYR A 33 1.88 0.72 8.58
N LYS A 34 3.10 0.25 8.34
CA LYS A 34 3.65 -0.86 9.11
C LYS A 34 5.12 -0.62 9.44
N ILE A 35 5.46 -0.66 10.72
CA ILE A 35 6.83 -0.46 11.17
C ILE A 35 7.20 -1.42 12.28
N TRP A 36 8.22 -2.24 12.04
CA TRP A 36 8.68 -3.20 13.04
C TRP A 36 10.12 -2.94 13.43
N SER A 1 11.60 9.57 -12.16
CA SER A 1 10.80 9.73 -10.95
C SER A 1 9.66 8.72 -10.91
N GLU A 2 9.23 8.38 -9.70
CA GLU A 2 8.14 7.42 -9.52
C GLU A 2 6.97 8.06 -8.79
N ASP A 3 5.82 7.39 -8.82
CA ASP A 3 4.62 7.89 -8.16
C ASP A 3 3.97 6.79 -7.31
N CYS A 4 4.47 6.63 -6.08
CA CYS A 4 3.94 5.62 -5.17
C CYS A 4 2.59 6.06 -4.61
N LEU A 5 1.84 5.10 -4.08
CA LEU A 5 0.54 5.38 -3.50
C LEU A 5 0.66 5.78 -2.03
N GLY A 6 -0.40 6.38 -1.50
CA GLY A 6 -0.39 6.80 -0.11
C GLY A 6 -1.15 5.85 0.79
N ALA A 7 -1.43 6.29 2.01
CA ALA A 7 -2.16 5.47 2.98
C ALA A 7 -3.65 5.39 2.61
N PHE A 8 -4.23 4.22 2.82
CA PHE A 8 -5.64 4.01 2.51
C PHE A 8 -5.92 4.24 1.03
N SER A 9 -4.89 4.07 0.21
CA SER A 9 -5.01 4.26 -1.23
C SER A 9 -5.35 2.95 -1.92
N ARG A 10 -6.02 3.05 -3.07
CA ARG A 10 -6.41 1.87 -3.83
C ARG A 10 -5.19 1.05 -4.24
N CYS A 11 -5.27 -0.27 -4.03
CA CYS A 11 -4.17 -1.16 -4.38
C CYS A 11 -4.58 -2.61 -4.18
N SER A 12 -3.93 -3.50 -4.93
CA SER A 12 -4.22 -4.93 -4.85
C SER A 12 -3.10 -5.67 -4.13
N PRO A 13 -3.42 -6.87 -3.63
CA PRO A 13 -2.45 -7.72 -2.91
C PRO A 13 -1.37 -8.27 -3.84
N LYS A 14 -1.75 -8.54 -5.08
CA LYS A 14 -0.81 -9.07 -6.06
C LYS A 14 -0.03 -7.94 -6.75
N ASN A 15 -0.70 -6.83 -6.99
CA ASN A 15 -0.07 -5.69 -7.64
C ASN A 15 0.08 -4.52 -6.65
N ASP A 16 0.40 -4.85 -5.41
CA ASP A 16 0.59 -3.84 -4.38
C ASP A 16 1.67 -2.84 -4.78
N LYS A 17 1.25 -1.64 -5.16
CA LYS A 17 2.17 -0.59 -5.56
C LYS A 17 2.04 0.64 -4.66
N CYS A 18 2.46 0.49 -3.40
CA CYS A 18 2.39 1.59 -2.45
C CYS A 18 3.78 1.94 -1.93
N CYS A 19 3.92 3.16 -1.41
CA CYS A 19 5.19 3.62 -0.88
C CYS A 19 5.80 2.59 0.06
N PRO A 20 7.11 2.73 0.34
CA PRO A 20 7.84 1.82 1.22
C PRO A 20 7.40 1.95 2.68
N ASN A 21 7.73 0.94 3.49
CA ASN A 21 7.37 0.94 4.90
C ASN A 21 5.87 0.84 5.07
N TYR A 22 5.18 0.35 4.05
CA TYR A 22 3.74 0.20 4.09
C TYR A 22 3.33 -1.25 3.84
N LYS A 23 2.03 -1.49 3.77
CA LYS A 23 1.51 -2.83 3.54
C LYS A 23 0.15 -2.78 2.84
N CYS A 24 -0.08 -3.72 1.93
CA CYS A 24 -1.33 -3.78 1.19
C CYS A 24 -2.16 -4.99 1.60
N SER A 25 -3.13 -4.77 2.49
CA SER A 25 -3.98 -5.85 2.97
C SER A 25 -5.13 -6.09 2.01
N SER A 26 -5.36 -7.36 1.68
CA SER A 26 -6.44 -7.74 0.77
C SER A 26 -7.81 -7.50 1.41
N LYS A 27 -7.84 -7.50 2.74
CA LYS A 27 -9.07 -7.28 3.48
C LYS A 27 -9.77 -6.01 3.00
N ASP A 28 -9.11 -4.87 3.15
CA ASP A 28 -9.66 -3.60 2.73
C ASP A 28 -9.18 -3.22 1.33
N LEU A 29 -8.13 -3.89 0.88
CA LEU A 29 -7.56 -3.63 -0.44
C LEU A 29 -6.99 -2.22 -0.52
N TRP A 30 -6.32 -1.80 0.54
CA TRP A 30 -5.73 -0.47 0.59
C TRP A 30 -4.32 -0.51 1.19
N CYS A 31 -3.74 0.66 1.40
CA CYS A 31 -2.40 0.75 1.97
C CYS A 31 -2.46 1.07 3.46
N LYS A 32 -1.59 0.43 4.24
CA LYS A 32 -1.55 0.65 5.68
C LYS A 32 -0.11 0.84 6.15
N TYR A 33 0.07 1.68 7.16
CA TYR A 33 1.39 1.96 7.71
C TYR A 33 1.84 0.83 8.64
N LYS A 34 3.06 0.34 8.41
CA LYS A 34 3.61 -0.74 9.22
C LYS A 34 5.07 -0.48 9.53
N ILE A 35 5.48 -0.78 10.77
CA ILE A 35 6.86 -0.59 11.19
C ILE A 35 7.42 -1.85 11.85
N TRP A 36 8.55 -2.32 11.34
CA TRP A 36 9.18 -3.51 11.89
C TRP A 36 9.70 -3.27 13.30
N SER A 1 9.38 13.04 -9.48
CA SER A 1 9.82 11.88 -10.23
C SER A 1 9.11 10.61 -9.74
N GLU A 2 9.51 10.16 -8.56
CA GLU A 2 8.91 8.95 -7.98
C GLU A 2 7.40 9.09 -7.86
N ASP A 3 6.69 7.98 -8.07
CA ASP A 3 5.24 7.98 -7.99
C ASP A 3 4.74 6.74 -7.26
N CYS A 4 4.36 6.92 -6.00
CA CYS A 4 3.86 5.82 -5.18
C CYS A 4 2.58 6.23 -4.44
N LEU A 5 1.71 5.25 -4.21
CA LEU A 5 0.46 5.51 -3.51
C LEU A 5 0.70 5.80 -2.04
N GLY A 6 -0.26 6.46 -1.39
CA GLY A 6 -0.12 6.78 0.01
C GLY A 6 -0.82 5.78 0.92
N ALA A 7 -1.39 6.27 2.01
CA ALA A 7 -2.10 5.41 2.96
C ALA A 7 -3.57 5.31 2.62
N PHE A 8 -4.14 4.11 2.78
CA PHE A 8 -5.55 3.89 2.49
C PHE A 8 -5.84 4.13 1.01
N SER A 9 -4.82 3.98 0.18
CA SER A 9 -4.97 4.18 -1.26
C SER A 9 -5.38 2.88 -1.95
N ARG A 10 -6.09 3.01 -3.06
CA ARG A 10 -6.55 1.85 -3.82
C ARG A 10 -5.36 1.01 -4.29
N CYS A 11 -5.38 -0.26 -3.95
CA CYS A 11 -4.31 -1.17 -4.34
C CYS A 11 -4.73 -2.63 -4.16
N SER A 12 -4.03 -3.54 -4.84
CA SER A 12 -4.34 -4.95 -4.75
C SER A 12 -3.22 -5.71 -4.05
N PRO A 13 -3.55 -6.91 -3.55
CA PRO A 13 -2.57 -7.76 -2.83
C PRO A 13 -1.51 -8.33 -3.77
N LYS A 14 -1.89 -8.58 -5.01
CA LYS A 14 -0.98 -9.13 -6.00
C LYS A 14 -0.24 -8.01 -6.73
N ASN A 15 -0.93 -6.91 -6.99
CA ASN A 15 -0.34 -5.77 -7.67
C ASN A 15 -0.16 -4.58 -6.72
N ASP A 16 0.20 -4.89 -5.48
CA ASP A 16 0.41 -3.86 -4.47
C ASP A 16 1.47 -2.86 -4.91
N LYS A 17 1.05 -1.62 -5.14
CA LYS A 17 1.96 -0.57 -5.58
C LYS A 17 1.84 0.66 -4.68
N CYS A 18 2.28 0.54 -3.43
CA CYS A 18 2.23 1.64 -2.48
C CYS A 18 3.63 2.01 -2.00
N CYS A 19 3.77 3.23 -1.49
CA CYS A 19 5.05 3.71 -0.99
C CYS A 19 5.69 2.68 -0.06
N PRO A 20 6.99 2.85 0.19
CA PRO A 20 7.75 1.94 1.07
C PRO A 20 7.35 2.07 2.53
N ASN A 21 7.71 1.08 3.33
CA ASN A 21 7.39 1.09 4.75
C ASN A 21 5.88 0.96 4.97
N TYR A 22 5.19 0.47 3.95
CA TYR A 22 3.74 0.29 4.03
C TYR A 22 3.35 -1.17 3.78
N LYS A 23 2.06 -1.42 3.75
CA LYS A 23 1.55 -2.77 3.52
C LYS A 23 0.19 -2.73 2.82
N CYS A 24 -0.04 -3.70 1.92
CA CYS A 24 -1.29 -3.77 1.19
C CYS A 24 -2.08 -5.02 1.60
N SER A 25 -3.08 -4.82 2.46
CA SER A 25 -3.90 -5.92 2.93
C SER A 25 -5.06 -6.18 1.98
N SER A 26 -5.29 -7.44 1.64
CA SER A 26 -6.37 -7.81 0.74
C SER A 26 -7.73 -7.60 1.39
N LYS A 27 -7.75 -7.59 2.72
CA LYS A 27 -8.98 -7.38 3.46
C LYS A 27 -9.71 -6.14 2.98
N ASP A 28 -9.06 -4.99 3.11
CA ASP A 28 -9.65 -3.73 2.68
C ASP A 28 -9.16 -3.33 1.28
N LEU A 29 -8.08 -3.99 0.84
CA LEU A 29 -7.51 -3.71 -0.47
C LEU A 29 -6.97 -2.29 -0.53
N TRP A 30 -6.30 -1.86 0.53
CA TRP A 30 -5.73 -0.52 0.59
C TRP A 30 -4.33 -0.55 1.20
N CYS A 31 -3.76 0.63 1.43
CA CYS A 31 -2.43 0.74 2.00
C CYS A 31 -2.51 1.02 3.50
N LYS A 32 -1.58 0.44 4.25
CA LYS A 32 -1.54 0.63 5.70
C LYS A 32 -0.11 0.81 6.18
N TYR A 33 0.11 1.81 7.03
CA TYR A 33 1.44 2.09 7.56
C TYR A 33 1.84 1.03 8.59
N LYS A 34 3.03 0.47 8.41
CA LYS A 34 3.55 -0.55 9.32
C LYS A 34 4.91 -0.15 9.88
N ILE A 35 5.05 -0.23 11.20
CA ILE A 35 6.30 0.12 11.85
C ILE A 35 6.60 -0.82 13.00
N TRP A 36 7.76 -1.48 12.93
CA TRP A 36 8.18 -2.42 13.98
C TRP A 36 9.08 -1.74 15.00
N SER A 1 8.21 13.49 -9.32
CA SER A 1 9.45 12.89 -8.85
C SER A 1 9.20 11.52 -8.25
N GLU A 2 8.20 11.43 -7.38
CA GLU A 2 7.86 10.17 -6.74
C GLU A 2 6.59 9.57 -7.35
N ASP A 3 6.58 8.25 -7.49
CA ASP A 3 5.43 7.55 -8.06
C ASP A 3 5.01 6.38 -7.18
N CYS A 4 4.14 6.65 -6.22
CA CYS A 4 3.67 5.62 -5.31
C CYS A 4 2.31 6.01 -4.71
N LEU A 5 1.57 5.02 -4.24
CA LEU A 5 0.27 5.25 -3.63
C LEU A 5 0.41 5.66 -2.18
N GLY A 6 -0.58 6.40 -1.67
CA GLY A 6 -0.55 6.85 -0.30
C GLY A 6 -1.27 5.90 0.64
N ALA A 7 -1.45 6.31 1.89
CA ALA A 7 -2.13 5.49 2.88
C ALA A 7 -3.62 5.39 2.56
N PHE A 8 -4.18 4.20 2.78
CA PHE A 8 -5.59 3.96 2.51
C PHE A 8 -5.93 4.18 1.04
N SER A 9 -4.91 4.05 0.19
CA SER A 9 -5.09 4.23 -1.25
C SER A 9 -5.46 2.92 -1.92
N ARG A 10 -6.17 3.01 -3.03
CA ARG A 10 -6.59 1.83 -3.79
C ARG A 10 -5.38 1.03 -4.25
N CYS A 11 -5.38 -0.27 -3.92
CA CYS A 11 -4.28 -1.14 -4.31
C CYS A 11 -4.66 -2.61 -4.13
N SER A 12 -4.00 -3.48 -4.87
CA SER A 12 -4.28 -4.92 -4.78
C SER A 12 -3.12 -5.65 -4.11
N PRO A 13 -3.41 -6.87 -3.60
CA PRO A 13 -2.41 -7.70 -2.93
C PRO A 13 -1.36 -8.24 -3.88
N LYS A 14 -1.77 -8.50 -5.12
CA LYS A 14 -0.86 -9.02 -6.14
C LYS A 14 -0.11 -7.88 -6.83
N ASN A 15 -0.80 -6.76 -7.04
CA ASN A 15 -0.18 -5.60 -7.69
C ASN A 15 -0.02 -4.46 -6.70
N ASP A 16 0.33 -4.79 -5.46
CA ASP A 16 0.53 -3.78 -4.42
C ASP A 16 1.60 -2.78 -4.83
N LYS A 17 1.17 -1.58 -5.19
CA LYS A 17 2.09 -0.53 -5.60
C LYS A 17 1.95 0.69 -4.70
N CYS A 18 2.38 0.56 -3.45
CA CYS A 18 2.31 1.64 -2.49
C CYS A 18 3.70 2.01 -1.98
N CYS A 19 3.84 3.23 -1.47
CA CYS A 19 5.12 3.70 -0.94
C CYS A 19 5.74 2.67 -0.02
N PRO A 20 7.04 2.83 0.26
CA PRO A 20 7.78 1.92 1.14
C PRO A 20 7.36 2.04 2.60
N ASN A 21 7.71 1.05 3.40
CA ASN A 21 7.37 1.05 4.82
C ASN A 21 5.87 0.92 5.01
N TYR A 22 5.18 0.44 3.98
CA TYR A 22 3.73 0.27 4.03
C TYR A 22 3.34 -1.19 3.78
N LYS A 23 2.05 -1.45 3.71
CA LYS A 23 1.54 -2.79 3.48
C LYS A 23 0.18 -2.75 2.80
N CYS A 24 -0.05 -3.70 1.89
CA CYS A 24 -1.32 -3.77 1.18
C CYS A 24 -2.12 -5.00 1.60
N SER A 25 -3.08 -4.79 2.49
CA SER A 25 -3.92 -5.88 2.98
C SER A 25 -5.09 -6.13 2.05
N SER A 26 -5.33 -7.39 1.73
CA SER A 26 -6.43 -7.76 0.84
C SER A 26 -7.78 -7.52 1.51
N LYS A 27 -7.78 -7.51 2.84
CA LYS A 27 -8.99 -7.29 3.61
C LYS A 27 -9.73 -6.04 3.12
N ASP A 28 -9.06 -4.89 3.22
CA ASP A 28 -9.65 -3.63 2.79
C ASP A 28 -9.17 -3.26 1.40
N LEU A 29 -8.11 -3.92 0.94
CA LEU A 29 -7.55 -3.66 -0.37
C LEU A 29 -7.00 -2.24 -0.46
N TRP A 30 -6.32 -1.81 0.59
CA TRP A 30 -5.73 -0.48 0.64
C TRP A 30 -4.32 -0.51 1.21
N CYS A 31 -3.74 0.66 1.43
CA CYS A 31 -2.40 0.77 1.98
C CYS A 31 -2.45 1.08 3.47
N LYS A 32 -1.56 0.44 4.23
CA LYS A 32 -1.50 0.65 5.67
C LYS A 32 -0.05 0.82 6.13
N TYR A 33 0.14 1.61 7.18
CA TYR A 33 1.47 1.86 7.72
C TYR A 33 1.91 0.72 8.64
N LYS A 34 3.12 0.21 8.40
CA LYS A 34 3.67 -0.88 9.21
C LYS A 34 5.06 -0.54 9.72
N ILE A 35 5.35 -0.96 10.94
CA ILE A 35 6.65 -0.70 11.55
C ILE A 35 7.16 -1.93 12.30
N TRP A 36 8.38 -2.35 11.96
CA TRP A 36 8.99 -3.50 12.61
C TRP A 36 10.43 -3.69 12.14
N SER A 1 11.05 9.42 -11.87
CA SER A 1 9.61 9.27 -12.11
C SER A 1 8.98 8.30 -11.12
N GLU A 2 9.18 8.56 -9.84
CA GLU A 2 8.64 7.70 -8.79
C GLU A 2 7.23 8.15 -8.40
N ASP A 3 6.25 7.30 -8.67
CA ASP A 3 4.86 7.60 -8.35
C ASP A 3 4.25 6.49 -7.49
N CYS A 4 4.40 6.62 -6.17
CA CYS A 4 3.86 5.62 -5.24
C CYS A 4 2.50 6.07 -4.71
N LEU A 5 1.78 5.13 -4.10
CA LEU A 5 0.46 5.42 -3.55
C LEU A 5 0.56 5.81 -2.08
N GLY A 6 -0.47 6.49 -1.59
CA GLY A 6 -0.48 6.92 -0.20
C GLY A 6 -1.23 5.94 0.70
N ALA A 7 -1.39 6.32 1.96
CA ALA A 7 -2.09 5.46 2.92
C ALA A 7 -3.57 5.38 2.59
N PHE A 8 -4.15 4.19 2.78
CA PHE A 8 -5.56 3.97 2.50
C PHE A 8 -5.87 4.20 1.03
N SER A 9 -4.85 4.03 0.18
CA SER A 9 -5.01 4.22 -1.25
C SER A 9 -5.39 2.91 -1.94
N ARG A 10 -6.11 3.03 -3.05
CA ARG A 10 -6.54 1.85 -3.80
C ARG A 10 -5.34 1.04 -4.27
N CYS A 11 -5.31 -0.24 -3.91
CA CYS A 11 -4.22 -1.12 -4.28
C CYS A 11 -4.62 -2.58 -4.12
N SER A 12 -3.96 -3.46 -4.87
CA SER A 12 -4.25 -4.89 -4.81
C SER A 12 -3.10 -5.65 -4.13
N PRO A 13 -3.40 -6.86 -3.64
CA PRO A 13 -2.41 -7.70 -2.97
C PRO A 13 -1.37 -8.25 -3.93
N LYS A 14 -1.78 -8.49 -5.17
CA LYS A 14 -0.87 -9.01 -6.19
C LYS A 14 -0.11 -7.87 -6.86
N ASN A 15 -0.77 -6.74 -7.06
CA ASN A 15 -0.15 -5.59 -7.70
C ASN A 15 0.03 -4.46 -6.70
N ASP A 16 0.39 -4.81 -5.47
CA ASP A 16 0.60 -3.82 -4.42
C ASP A 16 1.67 -2.81 -4.82
N LYS A 17 1.24 -1.60 -5.14
CA LYS A 17 2.17 -0.55 -5.54
C LYS A 17 2.03 0.68 -4.64
N CYS A 18 2.44 0.54 -3.38
CA CYS A 18 2.36 1.63 -2.43
C CYS A 18 3.75 1.99 -1.90
N CYS A 19 3.88 3.22 -1.38
CA CYS A 19 5.15 3.68 -0.85
C CYS A 19 5.76 2.64 0.09
N PRO A 20 7.06 2.80 0.39
CA PRO A 20 7.79 1.88 1.27
C PRO A 20 7.36 2.01 2.72
N ASN A 21 7.70 1.01 3.52
CA ASN A 21 7.33 1.01 4.93
C ASN A 21 5.82 0.88 5.12
N TYR A 22 5.15 0.40 4.07
CA TYR A 22 3.69 0.24 4.11
C TYR A 22 3.31 -1.21 3.84
N LYS A 23 2.01 -1.46 3.77
CA LYS A 23 1.50 -2.80 3.51
C LYS A 23 0.16 -2.75 2.79
N CYS A 24 -0.06 -3.70 1.89
CA CYS A 24 -1.31 -3.77 1.13
C CYS A 24 -2.15 -4.97 1.55
N SER A 25 -3.06 -4.75 2.50
CA SER A 25 -3.92 -5.81 3.00
C SER A 25 -5.07 -6.07 2.04
N SER A 26 -5.29 -7.34 1.72
CA SER A 26 -6.36 -7.72 0.80
C SER A 26 -7.73 -7.50 1.44
N LYS A 27 -7.76 -7.51 2.77
CA LYS A 27 -9.00 -7.30 3.52
C LYS A 27 -9.71 -6.04 3.04
N ASP A 28 -9.05 -4.90 3.20
CA ASP A 28 -9.62 -3.63 2.79
C ASP A 28 -9.15 -3.24 1.39
N LEU A 29 -8.09 -3.92 0.92
CA LEU A 29 -7.54 -3.65 -0.40
C LEU A 29 -6.98 -2.22 -0.48
N TRP A 30 -6.31 -1.80 0.58
CA TRP A 30 -5.72 -0.46 0.63
C TRP A 30 -4.31 -0.51 1.22
N CYS A 31 -3.73 0.66 1.44
CA CYS A 31 -2.39 0.76 2.01
C CYS A 31 -2.45 1.06 3.50
N LYS A 32 -1.58 0.41 4.27
CA LYS A 32 -1.52 0.61 5.71
C LYS A 32 -0.08 0.79 6.18
N TYR A 33 0.09 1.57 7.25
CA TYR A 33 1.43 1.81 7.79
C TYR A 33 1.85 0.68 8.72
N LYS A 34 3.05 0.16 8.49
CA LYS A 34 3.58 -0.93 9.29
C LYS A 34 4.97 -0.60 9.83
N ILE A 35 5.24 -1.01 11.06
CA ILE A 35 6.54 -0.75 11.68
C ILE A 35 7.15 -2.03 12.23
N TRP A 36 8.39 -2.31 11.83
CA TRP A 36 9.10 -3.50 12.29
C TRP A 36 10.44 -3.14 12.90
N SER A 1 11.14 11.96 -9.01
CA SER A 1 11.17 10.70 -9.76
C SER A 1 10.61 9.56 -8.91
N GLU A 2 9.53 9.84 -8.19
CA GLU A 2 8.90 8.84 -7.34
C GLU A 2 7.38 8.93 -7.42
N ASP A 3 6.75 7.86 -7.91
CA ASP A 3 5.30 7.83 -8.05
C ASP A 3 4.72 6.61 -7.33
N CYS A 4 4.31 6.80 -6.08
CA CYS A 4 3.74 5.72 -5.30
C CYS A 4 2.37 6.12 -4.75
N LEU A 5 1.73 5.18 -4.06
CA LEU A 5 0.40 5.43 -3.48
C LEU A 5 0.51 5.78 -2.00
N GLY A 6 -0.48 6.54 -1.52
CA GLY A 6 -0.48 6.94 -0.12
C GLY A 6 -1.22 5.95 0.76
N ALA A 7 -1.47 6.35 2.00
CA ALA A 7 -2.18 5.49 2.95
C ALA A 7 -3.65 5.39 2.60
N PHE A 8 -4.22 4.20 2.79
CA PHE A 8 -5.64 3.97 2.49
C PHE A 8 -5.91 4.19 1.01
N SER A 9 -4.88 4.03 0.19
CA SER A 9 -5.02 4.21 -1.26
C SER A 9 -5.40 2.90 -1.94
N ARG A 10 -6.10 3.00 -3.06
CA ARG A 10 -6.53 1.83 -3.80
C ARG A 10 -5.32 1.01 -4.27
N CYS A 11 -5.32 -0.28 -3.92
CA CYS A 11 -4.23 -1.17 -4.30
C CYS A 11 -4.63 -2.63 -4.12
N SER A 12 -4.00 -3.50 -4.88
CA SER A 12 -4.30 -4.93 -4.81
C SER A 12 -3.16 -5.69 -4.13
N PRO A 13 -3.47 -6.90 -3.63
CA PRO A 13 -2.49 -7.74 -2.93
C PRO A 13 -1.43 -8.29 -3.88
N LYS A 14 -1.82 -8.53 -5.12
CA LYS A 14 -0.91 -9.06 -6.13
C LYS A 14 -0.14 -7.94 -6.81
N ASN A 15 -0.82 -6.82 -7.04
CA ASN A 15 -0.20 -5.67 -7.69
C ASN A 15 -0.01 -4.52 -6.69
N ASP A 16 0.36 -4.87 -5.46
CA ASP A 16 0.57 -3.87 -4.42
C ASP A 16 1.65 -2.87 -4.84
N LYS A 17 1.21 -1.65 -5.16
CA LYS A 17 2.13 -0.60 -5.58
C LYS A 17 1.98 0.63 -4.69
N CYS A 18 2.41 0.50 -3.45
CA CYS A 18 2.33 1.61 -2.49
C CYS A 18 3.72 1.97 -1.97
N CYS A 19 3.85 3.20 -1.47
CA CYS A 19 5.12 3.68 -0.94
C CYS A 19 5.74 2.65 0.00
N PRO A 20 7.04 2.81 0.28
CA PRO A 20 7.78 1.90 1.17
C PRO A 20 7.34 2.04 2.62
N ASN A 21 7.69 1.04 3.43
CA ASN A 21 7.34 1.04 4.85
C ASN A 21 5.82 0.93 5.03
N TYR A 22 5.15 0.43 4.00
CA TYR A 22 3.70 0.27 4.05
C TYR A 22 3.31 -1.19 3.80
N LYS A 23 2.00 -1.44 3.72
CA LYS A 23 1.49 -2.78 3.48
C LYS A 23 0.16 -2.74 2.76
N CYS A 24 -0.08 -3.70 1.88
CA CYS A 24 -1.33 -3.76 1.13
C CYS A 24 -2.16 -4.95 1.58
N SER A 25 -3.05 -4.70 2.54
CA SER A 25 -3.92 -5.75 3.06
C SER A 25 -5.06 -6.05 2.09
N SER A 26 -5.24 -7.33 1.77
CA SER A 26 -6.29 -7.75 0.86
C SER A 26 -7.67 -7.55 1.49
N LYS A 27 -7.71 -7.50 2.81
CA LYS A 27 -8.96 -7.31 3.54
C LYS A 27 -9.68 -6.06 3.06
N ASP A 28 -9.04 -4.91 3.23
CA ASP A 28 -9.62 -3.64 2.83
C ASP A 28 -9.15 -3.26 1.41
N LEU A 29 -8.11 -3.93 0.94
CA LEU A 29 -7.56 -3.66 -0.38
C LEU A 29 -7.01 -2.24 -0.47
N TRP A 30 -6.32 -1.81 0.58
CA TRP A 30 -5.74 -0.48 0.63
C TRP A 30 -4.33 -0.52 1.21
N CYS A 31 -3.75 0.66 1.42
CA CYS A 31 -2.40 0.76 1.97
C CYS A 31 -2.45 1.08 3.46
N LYS A 32 -1.58 0.44 4.23
CA LYS A 32 -1.52 0.66 5.67
C LYS A 32 -0.07 0.83 6.14
N TYR A 33 0.11 1.61 7.20
CA TYR A 33 1.44 1.85 7.74
C TYR A 33 1.87 0.72 8.67
N LYS A 34 3.07 0.19 8.44
CA LYS A 34 3.59 -0.89 9.26
C LYS A 34 5.02 -0.58 9.73
N ILE A 35 5.27 -0.80 11.01
CA ILE A 35 6.58 -0.54 11.59
C ILE A 35 6.98 -1.64 12.56
N TRP A 36 8.13 -2.27 12.31
CA TRP A 36 8.62 -3.33 13.18
C TRP A 36 9.54 -2.78 14.26
N SER A 1 10.55 12.32 -8.92
CA SER A 1 10.65 11.10 -9.72
C SER A 1 10.14 9.89 -8.92
N GLU A 2 9.09 10.10 -8.15
CA GLU A 2 8.51 9.03 -7.34
C GLU A 2 6.98 9.06 -7.42
N ASP A 3 6.41 8.00 -7.98
CA ASP A 3 4.95 7.90 -8.11
C ASP A 3 4.43 6.67 -7.38
N CYS A 4 4.21 6.80 -6.08
CA CYS A 4 3.71 5.70 -5.26
C CYS A 4 2.34 6.04 -4.67
N LEU A 5 1.64 5.02 -4.19
CA LEU A 5 0.31 5.20 -3.61
C LEU A 5 0.41 5.60 -2.13
N GLY A 6 -0.49 6.47 -1.70
CA GLY A 6 -0.48 6.92 -0.32
C GLY A 6 -1.23 5.96 0.60
N ALA A 7 -1.35 6.34 1.86
CA ALA A 7 -2.04 5.51 2.85
C ALA A 7 -3.53 5.42 2.54
N PHE A 8 -4.09 4.23 2.72
CA PHE A 8 -5.51 4.00 2.45
C PHE A 8 -5.82 4.22 0.97
N SER A 9 -4.81 4.06 0.13
CA SER A 9 -4.97 4.24 -1.31
C SER A 9 -5.36 2.93 -1.97
N ARG A 10 -6.07 3.02 -3.10
CA ARG A 10 -6.49 1.84 -3.84
C ARG A 10 -5.29 1.02 -4.29
N CYS A 11 -5.29 -0.27 -3.95
CA CYS A 11 -4.21 -1.16 -4.32
C CYS A 11 -4.61 -2.61 -4.13
N SER A 12 -3.97 -3.51 -4.88
CA SER A 12 -4.27 -4.94 -4.79
C SER A 12 -3.13 -5.69 -4.10
N PRO A 13 -3.45 -6.89 -3.60
CA PRO A 13 -2.48 -7.73 -2.89
C PRO A 13 -1.42 -8.29 -3.83
N LYS A 14 -1.81 -8.54 -5.08
CA LYS A 14 -0.89 -9.08 -6.07
C LYS A 14 -0.14 -7.95 -6.78
N ASN A 15 -0.83 -6.85 -7.04
CA ASN A 15 -0.23 -5.71 -7.71
C ASN A 15 -0.06 -4.54 -6.74
N ASP A 16 0.29 -4.86 -5.49
CA ASP A 16 0.50 -3.84 -4.48
C ASP A 16 1.58 -2.85 -4.91
N LYS A 17 1.18 -1.59 -5.09
CA LYS A 17 2.09 -0.54 -5.51
C LYS A 17 1.98 0.68 -4.60
N CYS A 18 2.40 0.54 -3.36
CA CYS A 18 2.34 1.64 -2.40
C CYS A 18 3.72 1.99 -1.88
N CYS A 19 3.87 3.20 -1.37
CA CYS A 19 5.15 3.67 -0.84
C CYS A 19 5.76 2.63 0.09
N PRO A 20 7.07 2.78 0.37
CA PRO A 20 7.80 1.86 1.24
C PRO A 20 7.37 1.99 2.70
N ASN A 21 7.71 0.99 3.51
CA ASN A 21 7.36 0.99 4.92
C ASN A 21 5.85 0.87 5.11
N TYR A 22 5.17 0.39 4.08
CA TYR A 22 3.72 0.24 4.13
C TYR A 22 3.32 -1.21 3.87
N LYS A 23 2.02 -1.45 3.81
CA LYS A 23 1.50 -2.80 3.57
C LYS A 23 0.16 -2.74 2.83
N CYS A 24 -0.05 -3.69 1.93
CA CYS A 24 -1.29 -3.76 1.16
C CYS A 24 -2.13 -4.96 1.56
N SER A 25 -3.02 -4.76 2.54
CA SER A 25 -3.88 -5.83 3.02
C SER A 25 -5.03 -6.08 2.05
N SER A 26 -5.26 -7.35 1.72
CA SER A 26 -6.33 -7.72 0.81
C SER A 26 -7.70 -7.49 1.44
N LYS A 27 -7.74 -7.50 2.77
CA LYS A 27 -8.98 -7.29 3.50
C LYS A 27 -9.68 -6.03 3.03
N ASP A 28 -9.01 -4.88 3.18
CA ASP A 28 -9.57 -3.60 2.77
C ASP A 28 -9.09 -3.23 1.37
N LEU A 29 -8.04 -3.89 0.92
CA LEU A 29 -7.48 -3.63 -0.41
C LEU A 29 -6.93 -2.20 -0.49
N TRP A 30 -6.25 -1.77 0.57
CA TRP A 30 -5.68 -0.43 0.61
C TRP A 30 -4.28 -0.47 1.22
N CYS A 31 -3.71 0.72 1.43
CA CYS A 31 -2.37 0.82 2.01
C CYS A 31 -2.44 1.11 3.51
N LYS A 32 -1.59 0.44 4.27
CA LYS A 32 -1.54 0.62 5.72
C LYS A 32 -0.12 0.80 6.21
N TYR A 33 0.05 1.60 7.26
CA TYR A 33 1.37 1.85 7.83
C TYR A 33 1.82 0.69 8.71
N LYS A 34 3.04 0.23 8.48
CA LYS A 34 3.60 -0.89 9.25
C LYS A 34 5.06 -0.63 9.59
N ILE A 35 5.44 -0.95 10.82
CA ILE A 35 6.83 -0.76 11.27
C ILE A 35 7.28 -1.92 12.14
N TRP A 36 8.39 -2.54 11.75
CA TRP A 36 8.95 -3.66 12.50
C TRP A 36 9.53 -3.20 13.83
N SER A 1 9.22 9.74 -13.41
CA SER A 1 9.18 9.98 -11.97
C SER A 1 8.43 8.86 -11.26
N GLU A 2 8.83 8.59 -10.03
CA GLU A 2 8.19 7.53 -9.24
C GLU A 2 6.94 8.06 -8.53
N ASP A 3 5.80 7.46 -8.84
CA ASP A 3 4.54 7.87 -8.24
C ASP A 3 3.94 6.74 -7.40
N CYS A 4 4.33 6.68 -6.13
CA CYS A 4 3.84 5.65 -5.23
C CYS A 4 2.47 6.02 -4.67
N LEU A 5 1.73 5.01 -4.20
CA LEU A 5 0.41 5.23 -3.65
C LEU A 5 0.49 5.67 -2.19
N GLY A 6 -0.49 6.46 -1.75
CA GLY A 6 -0.50 6.93 -0.38
C GLY A 6 -1.25 5.98 0.55
N ALA A 7 -1.38 6.38 1.81
CA ALA A 7 -2.07 5.57 2.80
C ALA A 7 -3.55 5.46 2.48
N PHE A 8 -4.12 4.28 2.69
CA PHE A 8 -5.53 4.05 2.42
C PHE A 8 -5.85 4.24 0.95
N SER A 9 -4.83 4.12 0.11
CA SER A 9 -5.00 4.28 -1.33
C SER A 9 -5.35 2.95 -1.99
N ARG A 10 -6.05 3.03 -3.12
CA ARG A 10 -6.46 1.83 -3.84
C ARG A 10 -5.25 1.03 -4.28
N CYS A 11 -5.30 -0.28 -4.05
CA CYS A 11 -4.20 -1.17 -4.41
C CYS A 11 -4.59 -2.63 -4.20
N SER A 12 -3.94 -3.52 -4.95
CA SER A 12 -4.23 -4.95 -4.85
C SER A 12 -3.10 -5.67 -4.12
N PRO A 13 -3.41 -6.87 -3.60
CA PRO A 13 -2.43 -7.69 -2.87
C PRO A 13 -1.35 -8.25 -3.79
N LYS A 14 -1.71 -8.52 -5.03
CA LYS A 14 -0.77 -9.07 -6.00
C LYS A 14 -0.02 -7.96 -6.71
N ASN A 15 -0.71 -6.85 -6.99
CA ASN A 15 -0.11 -5.71 -7.66
C ASN A 15 0.05 -4.54 -6.70
N ASP A 16 0.37 -4.84 -5.45
CA ASP A 16 0.54 -3.81 -4.44
C ASP A 16 1.63 -2.81 -4.85
N LYS A 17 1.24 -1.57 -5.08
CA LYS A 17 2.17 -0.53 -5.49
C LYS A 17 2.04 0.70 -4.59
N CYS A 18 2.46 0.56 -3.33
CA CYS A 18 2.38 1.66 -2.38
C CYS A 18 3.77 2.01 -1.86
N CYS A 19 3.91 3.23 -1.34
CA CYS A 19 5.19 3.70 -0.82
C CYS A 19 5.80 2.66 0.13
N PRO A 20 7.10 2.81 0.41
CA PRO A 20 7.83 1.90 1.30
C PRO A 20 7.40 2.02 2.74
N ASN A 21 7.74 1.02 3.55
CA ASN A 21 7.38 1.02 4.96
C ASN A 21 5.87 0.90 5.14
N TYR A 22 5.20 0.42 4.11
CA TYR A 22 3.75 0.26 4.15
C TYR A 22 3.36 -1.20 3.87
N LYS A 23 2.05 -1.45 3.79
CA LYS A 23 1.55 -2.79 3.53
C LYS A 23 0.20 -2.74 2.84
N CYS A 24 -0.04 -3.68 1.94
CA CYS A 24 -1.30 -3.74 1.21
C CYS A 24 -2.11 -4.98 1.60
N SER A 25 -3.06 -4.79 2.50
CA SER A 25 -3.91 -5.88 2.96
C SER A 25 -5.08 -6.11 2.03
N SER A 26 -5.34 -7.36 1.70
CA SER A 26 -6.43 -7.72 0.80
C SER A 26 -7.79 -7.46 1.47
N LYS A 27 -7.78 -7.43 2.80
CA LYS A 27 -9.00 -7.20 3.56
C LYS A 27 -9.72 -5.94 3.07
N ASP A 28 -9.04 -4.80 3.18
CA ASP A 28 -9.60 -3.53 2.73
C ASP A 28 -9.11 -3.16 1.35
N LEU A 29 -8.06 -3.84 0.91
CA LEU A 29 -7.48 -3.59 -0.41
C LEU A 29 -6.92 -2.17 -0.50
N TRP A 30 -6.26 -1.74 0.57
CA TRP A 30 -5.67 -0.40 0.61
C TRP A 30 -4.27 -0.44 1.21
N CYS A 31 -3.70 0.74 1.43
CA CYS A 31 -2.36 0.84 2.01
C CYS A 31 -2.43 1.13 3.51
N LYS A 32 -1.59 0.44 4.27
CA LYS A 32 -1.55 0.62 5.72
C LYS A 32 -0.12 0.75 6.22
N TYR A 33 0.07 1.49 7.31
CA TYR A 33 1.39 1.69 7.89
C TYR A 33 1.78 0.50 8.76
N LYS A 34 2.99 -0.02 8.53
CA LYS A 34 3.49 -1.16 9.29
C LYS A 34 4.95 -0.95 9.68
N ILE A 35 5.21 -1.00 10.98
CA ILE A 35 6.56 -0.83 11.50
C ILE A 35 6.83 -1.76 12.67
N TRP A 36 7.81 -2.64 12.49
CA TRP A 36 8.18 -3.59 13.54
C TRP A 36 9.68 -3.57 13.80
N SER A 1 9.20 13.55 -7.95
CA SER A 1 10.33 12.66 -8.18
C SER A 1 9.93 11.20 -7.94
N GLU A 2 9.08 11.00 -6.94
CA GLU A 2 8.62 9.65 -6.60
C GLU A 2 7.17 9.46 -7.02
N ASP A 3 6.84 8.26 -7.49
CA ASP A 3 5.50 7.94 -7.92
C ASP A 3 4.97 6.71 -7.21
N CYS A 4 4.24 6.91 -6.12
CA CYS A 4 3.68 5.80 -5.35
C CYS A 4 2.30 6.16 -4.82
N LEU A 5 1.67 5.21 -4.12
CA LEU A 5 0.34 5.42 -3.56
C LEU A 5 0.43 5.79 -2.08
N GLY A 6 -0.52 6.60 -1.63
CA GLY A 6 -0.53 7.01 -0.23
C GLY A 6 -1.26 6.02 0.66
N ALA A 7 -1.44 6.38 1.92
CA ALA A 7 -2.11 5.51 2.88
C ALA A 7 -3.60 5.39 2.55
N PHE A 8 -4.15 4.21 2.76
CA PHE A 8 -5.57 3.96 2.49
C PHE A 8 -5.87 4.17 1.01
N SER A 9 -4.85 4.05 0.17
CA SER A 9 -5.01 4.23 -1.27
C SER A 9 -5.40 2.92 -1.94
N ARG A 10 -6.11 3.02 -3.05
CA ARG A 10 -6.55 1.84 -3.79
C ARG A 10 -5.35 1.02 -4.25
N CYS A 11 -5.36 -0.28 -3.95
CA CYS A 11 -4.28 -1.16 -4.33
C CYS A 11 -4.68 -2.63 -4.16
N SER A 12 -3.99 -3.52 -4.85
CA SER A 12 -4.29 -4.94 -4.78
C SER A 12 -3.16 -5.69 -4.09
N PRO A 13 -3.47 -6.90 -3.59
CA PRO A 13 -2.49 -7.75 -2.89
C PRO A 13 -1.42 -8.30 -3.82
N LYS A 14 -1.81 -8.55 -5.07
CA LYS A 14 -0.88 -9.07 -6.07
C LYS A 14 -0.12 -7.95 -6.75
N ASN A 15 -0.81 -6.83 -7.00
CA ASN A 15 -0.20 -5.69 -7.65
C ASN A 15 -0.04 -4.52 -6.67
N ASP A 16 0.31 -4.85 -5.42
CA ASP A 16 0.50 -3.83 -4.39
C ASP A 16 1.56 -2.83 -4.81
N LYS A 17 1.12 -1.63 -5.18
CA LYS A 17 2.04 -0.58 -5.60
C LYS A 17 1.91 0.65 -4.69
N CYS A 18 2.34 0.51 -3.44
CA CYS A 18 2.28 1.61 -2.48
C CYS A 18 3.66 1.98 -1.99
N CYS A 19 3.80 3.20 -1.47
CA CYS A 19 5.08 3.68 -0.97
C CYS A 19 5.72 2.65 -0.04
N PRO A 20 7.02 2.82 0.23
CA PRO A 20 7.77 1.91 1.10
C PRO A 20 7.36 2.03 2.56
N ASN A 21 7.72 1.04 3.37
CA ASN A 21 7.39 1.03 4.79
C ASN A 21 5.88 0.89 4.99
N TYR A 22 5.20 0.41 3.96
CA TYR A 22 3.75 0.23 4.03
C TYR A 22 3.37 -1.23 3.77
N LYS A 23 2.07 -1.49 3.71
CA LYS A 23 1.58 -2.84 3.48
C LYS A 23 0.20 -2.81 2.82
N CYS A 24 -0.04 -3.75 1.91
CA CYS A 24 -1.32 -3.83 1.21
C CYS A 24 -2.10 -5.07 1.64
N SER A 25 -3.11 -4.86 2.47
CA SER A 25 -3.94 -5.96 2.97
C SER A 25 -5.13 -6.20 2.04
N SER A 26 -5.39 -7.46 1.73
CA SER A 26 -6.50 -7.83 0.87
C SER A 26 -7.84 -7.56 1.54
N LYS A 27 -7.81 -7.51 2.87
CA LYS A 27 -9.03 -7.25 3.65
C LYS A 27 -9.75 -6.01 3.13
N ASP A 28 -9.08 -4.87 3.19
CA ASP A 28 -9.67 -3.61 2.73
C ASP A 28 -9.15 -3.26 1.34
N LEU A 29 -8.09 -3.93 0.92
CA LEU A 29 -7.49 -3.68 -0.39
C LEU A 29 -6.94 -2.25 -0.48
N TRP A 30 -6.27 -1.82 0.57
CA TRP A 30 -5.69 -0.48 0.61
C TRP A 30 -4.28 -0.50 1.20
N CYS A 31 -3.71 0.67 1.41
CA CYS A 31 -2.36 0.78 1.96
C CYS A 31 -2.41 1.07 3.46
N LYS A 32 -1.56 0.40 4.21
CA LYS A 32 -1.50 0.58 5.66
C LYS A 32 -0.05 0.74 6.13
N TYR A 33 0.14 1.60 7.13
CA TYR A 33 1.48 1.84 7.68
C TYR A 33 1.94 0.65 8.51
N LYS A 34 3.17 0.22 8.28
CA LYS A 34 3.75 -0.90 9.01
C LYS A 34 4.87 -0.43 9.93
N ILE A 35 4.85 -0.90 11.17
CA ILE A 35 5.87 -0.53 12.14
C ILE A 35 6.57 -1.77 12.70
N TRP A 36 7.90 -1.75 12.64
CA TRP A 36 8.70 -2.87 13.14
C TRP A 36 8.70 -2.90 14.67
N SER A 1 11.41 12.75 -8.80
CA SER A 1 10.05 12.62 -8.31
C SER A 1 9.75 11.17 -7.91
N GLU A 2 8.65 10.98 -7.18
CA GLU A 2 8.25 9.65 -6.74
C GLU A 2 6.81 9.35 -7.14
N ASP A 3 6.57 8.15 -7.63
CA ASP A 3 5.23 7.74 -8.04
C ASP A 3 4.77 6.52 -7.25
N CYS A 4 4.20 6.78 -6.07
CA CYS A 4 3.71 5.70 -5.21
C CYS A 4 2.37 6.07 -4.59
N LEU A 5 1.58 5.05 -4.27
CA LEU A 5 0.27 5.27 -3.67
C LEU A 5 0.39 5.68 -2.20
N GLY A 6 -0.56 6.48 -1.73
CA GLY A 6 -0.54 6.92 -0.35
C GLY A 6 -1.26 5.96 0.58
N ALA A 7 -1.39 6.35 1.85
CA ALA A 7 -2.06 5.52 2.84
C ALA A 7 -3.55 5.41 2.54
N PHE A 8 -4.10 4.22 2.74
CA PHE A 8 -5.51 3.97 2.48
C PHE A 8 -5.85 4.19 1.01
N SER A 9 -4.83 4.06 0.16
CA SER A 9 -5.02 4.25 -1.27
C SER A 9 -5.40 2.93 -1.95
N ARG A 10 -6.12 3.03 -3.07
CA ARG A 10 -6.55 1.85 -3.81
C ARG A 10 -5.35 1.04 -4.27
N CYS A 11 -5.36 -0.25 -3.95
CA CYS A 11 -4.26 -1.14 -4.33
C CYS A 11 -4.68 -2.61 -4.16
N SER A 12 -3.97 -3.49 -4.84
CA SER A 12 -4.26 -4.93 -4.77
C SER A 12 -3.12 -5.67 -4.08
N PRO A 13 -3.43 -6.88 -3.58
CA PRO A 13 -2.45 -7.73 -2.88
C PRO A 13 -1.38 -8.27 -3.83
N LYS A 14 -1.78 -8.52 -5.08
CA LYS A 14 -0.86 -9.04 -6.08
C LYS A 14 -0.10 -7.91 -6.76
N ASN A 15 -0.78 -6.80 -7.00
CA ASN A 15 -0.17 -5.65 -7.65
C ASN A 15 -0.02 -4.49 -6.67
N ASP A 16 0.32 -4.81 -5.43
CA ASP A 16 0.51 -3.80 -4.39
C ASP A 16 1.58 -2.79 -4.81
N LYS A 17 1.14 -1.59 -5.17
CA LYS A 17 2.05 -0.53 -5.59
C LYS A 17 1.91 0.69 -4.70
N CYS A 18 2.34 0.56 -3.45
CA CYS A 18 2.27 1.65 -2.49
C CYS A 18 3.67 2.02 -1.98
N CYS A 19 3.79 3.25 -1.48
CA CYS A 19 5.07 3.73 -0.96
C CYS A 19 5.71 2.69 -0.03
N PRO A 20 7.02 2.87 0.23
CA PRO A 20 7.77 1.97 1.11
C PRO A 20 7.35 2.09 2.57
N ASN A 21 7.73 1.09 3.36
CA ASN A 21 7.39 1.09 4.78
C ASN A 21 5.88 0.94 4.99
N TYR A 22 5.20 0.46 3.96
CA TYR A 22 3.75 0.28 4.02
C TYR A 22 3.38 -1.18 3.77
N LYS A 23 2.09 -1.45 3.71
CA LYS A 23 1.59 -2.80 3.46
C LYS A 23 0.21 -2.78 2.81
N CYS A 24 -0.02 -3.72 1.91
CA CYS A 24 -1.30 -3.80 1.21
C CYS A 24 -2.09 -5.03 1.64
N SER A 25 -3.10 -4.83 2.47
CA SER A 25 -3.92 -5.93 2.96
C SER A 25 -5.11 -6.17 2.04
N SER A 26 -5.37 -7.45 1.75
CA SER A 26 -6.48 -7.81 0.86
C SER A 26 -7.82 -7.55 1.55
N LYS A 27 -7.80 -7.47 2.88
CA LYS A 27 -9.01 -7.22 3.65
C LYS A 27 -9.74 -5.99 3.12
N ASP A 28 -9.08 -4.84 3.19
CA ASP A 28 -9.67 -3.60 2.71
C ASP A 28 -9.15 -3.24 1.33
N LEU A 29 -8.07 -3.90 0.91
CA LEU A 29 -7.48 -3.66 -0.39
C LEU A 29 -6.93 -2.23 -0.48
N TRP A 30 -6.25 -1.80 0.57
CA TRP A 30 -5.68 -0.46 0.61
C TRP A 30 -4.27 -0.48 1.21
N CYS A 31 -3.71 0.70 1.41
CA CYS A 31 -2.36 0.81 1.97
C CYS A 31 -2.41 1.09 3.47
N LYS A 32 -1.55 0.43 4.22
CA LYS A 32 -1.50 0.60 5.67
C LYS A 32 -0.06 0.67 6.16
N TYR A 33 0.21 1.60 7.07
CA TYR A 33 1.56 1.77 7.62
C TYR A 33 1.91 0.61 8.54
N LYS A 34 3.12 0.08 8.37
CA LYS A 34 3.58 -1.04 9.19
C LYS A 34 4.77 -0.62 10.05
N ILE A 35 4.71 -0.95 11.33
CA ILE A 35 5.78 -0.61 12.26
C ILE A 35 6.36 -1.86 12.92
N TRP A 36 7.68 -2.01 12.85
CA TRP A 36 8.35 -3.16 13.44
C TRP A 36 9.54 -2.71 14.28
N SER A 1 10.22 9.80 -12.53
CA SER A 1 9.64 10.14 -11.22
C SER A 1 8.78 9.00 -10.70
N GLU A 2 9.12 8.49 -9.52
CA GLU A 2 8.36 7.41 -8.91
C GLU A 2 7.12 7.94 -8.21
N ASP A 3 5.95 7.50 -8.66
CA ASP A 3 4.69 7.94 -8.07
C ASP A 3 4.03 6.79 -7.30
N CYS A 4 4.47 6.59 -6.06
CA CYS A 4 3.93 5.54 -5.22
C CYS A 4 2.63 5.99 -4.55
N LEU A 5 1.77 5.02 -4.22
CA LEU A 5 0.50 5.32 -3.58
C LEU A 5 0.70 5.63 -2.09
N GLY A 6 -0.17 6.47 -1.55
CA GLY A 6 -0.07 6.83 -0.14
C GLY A 6 -0.72 5.81 0.76
N ALA A 7 -1.26 6.27 1.88
CA ALA A 7 -1.92 5.38 2.84
C ALA A 7 -3.41 5.27 2.54
N PHE A 8 -3.96 4.08 2.78
CA PHE A 8 -5.38 3.82 2.54
C PHE A 8 -5.73 4.06 1.08
N SER A 9 -4.73 3.99 0.21
CA SER A 9 -4.93 4.19 -1.22
C SER A 9 -5.31 2.89 -1.90
N ARG A 10 -6.06 3.01 -3.01
CA ARG A 10 -6.49 1.85 -3.77
C ARG A 10 -5.30 1.04 -4.26
N CYS A 11 -5.27 -0.24 -3.88
CA CYS A 11 -4.19 -1.13 -4.29
C CYS A 11 -4.59 -2.60 -4.13
N SER A 12 -3.95 -3.47 -4.89
CA SER A 12 -4.25 -4.89 -4.84
C SER A 12 -3.17 -5.64 -4.07
N PRO A 13 -3.51 -6.85 -3.58
CA PRO A 13 -2.57 -7.68 -2.82
C PRO A 13 -1.45 -8.24 -3.69
N LYS A 14 -1.75 -8.49 -4.96
CA LYS A 14 -0.78 -9.02 -5.90
C LYS A 14 -0.05 -7.89 -6.62
N ASN A 15 -0.79 -6.83 -6.95
CA ASN A 15 -0.22 -5.69 -7.65
C ASN A 15 -0.10 -4.49 -6.72
N ASP A 16 0.24 -4.75 -5.46
CA ASP A 16 0.40 -3.69 -4.46
C ASP A 16 1.47 -2.70 -4.89
N LYS A 17 1.07 -1.46 -5.12
CA LYS A 17 2.00 -0.42 -5.53
C LYS A 17 1.89 0.80 -4.61
N CYS A 18 2.33 0.64 -3.37
CA CYS A 18 2.28 1.73 -2.40
C CYS A 18 3.68 2.08 -1.90
N CYS A 19 3.84 3.29 -1.38
CA CYS A 19 5.12 3.74 -0.87
C CYS A 19 5.75 2.69 0.04
N PRO A 20 7.06 2.83 0.31
CA PRO A 20 7.80 1.91 1.16
C PRO A 20 7.39 2.02 2.63
N ASN A 21 7.76 1.00 3.41
CA ASN A 21 7.42 0.99 4.84
C ASN A 21 5.93 0.85 5.05
N TYR A 22 5.23 0.41 4.01
CA TYR A 22 3.77 0.23 4.07
C TYR A 22 3.39 -1.22 3.82
N LYS A 23 2.09 -1.48 3.77
CA LYS A 23 1.59 -2.83 3.54
C LYS A 23 0.21 -2.80 2.91
N CYS A 24 -0.05 -3.70 1.97
CA CYS A 24 -1.34 -3.77 1.29
C CYS A 24 -2.12 -5.00 1.74
N SER A 25 -3.21 -4.76 2.46
CA SER A 25 -4.05 -5.86 2.95
C SER A 25 -5.19 -6.15 1.99
N SER A 26 -5.39 -7.42 1.69
CA SER A 26 -6.45 -7.83 0.77
C SER A 26 -7.83 -7.61 1.39
N LYS A 27 -7.86 -7.50 2.71
CA LYS A 27 -9.11 -7.29 3.43
C LYS A 27 -9.86 -6.08 2.87
N ASP A 28 -9.23 -4.91 2.94
CA ASP A 28 -9.84 -3.70 2.43
C ASP A 28 -9.25 -3.32 1.07
N LEU A 29 -8.16 -3.96 0.71
CA LEU A 29 -7.49 -3.70 -0.56
C LEU A 29 -6.95 -2.27 -0.60
N TRP A 30 -6.30 -1.86 0.47
CA TRP A 30 -5.74 -0.51 0.55
C TRP A 30 -4.33 -0.55 1.17
N CYS A 31 -3.77 0.64 1.41
CA CYS A 31 -2.45 0.74 1.99
C CYS A 31 -2.52 0.99 3.49
N LYS A 32 -1.57 0.42 4.24
CA LYS A 32 -1.54 0.58 5.68
C LYS A 32 -0.11 0.82 6.16
N TYR A 33 0.05 1.73 7.13
CA TYR A 33 1.36 2.04 7.68
C TYR A 33 1.81 0.96 8.66
N LYS A 34 3.03 0.47 8.46
CA LYS A 34 3.58 -0.55 9.33
C LYS A 34 5.03 -0.24 9.70
N ILE A 35 5.39 -0.48 10.95
CA ILE A 35 6.74 -0.22 11.43
C ILE A 35 7.25 -1.37 12.28
N TRP A 36 8.42 -1.91 11.91
CA TRP A 36 9.02 -3.01 12.63
C TRP A 36 10.42 -2.65 13.12
N SER A 1 12.25 10.55 -11.26
CA SER A 1 11.03 10.85 -10.51
C SER A 1 10.45 9.57 -9.91
N GLU A 2 9.58 9.75 -8.92
CA GLU A 2 8.95 8.61 -8.25
C GLU A 2 7.48 8.91 -7.96
N ASP A 3 6.63 7.90 -8.17
CA ASP A 3 5.20 8.05 -7.93
C ASP A 3 4.63 6.80 -7.26
N CYS A 4 4.32 6.93 -5.98
CA CYS A 4 3.77 5.81 -5.21
C CYS A 4 2.40 6.16 -4.64
N LEU A 5 1.68 5.15 -4.15
CA LEU A 5 0.36 5.36 -3.57
C LEU A 5 0.45 5.71 -2.09
N GLY A 6 -0.44 6.58 -1.63
CA GLY A 6 -0.45 6.97 -0.23
C GLY A 6 -1.18 5.98 0.65
N ALA A 7 -1.41 6.38 1.90
CA ALA A 7 -2.11 5.51 2.84
C ALA A 7 -3.60 5.42 2.51
N PHE A 8 -4.19 4.25 2.73
CA PHE A 8 -5.60 4.04 2.45
C PHE A 8 -5.90 4.22 0.97
N SER A 9 -4.86 4.10 0.15
CA SER A 9 -5.01 4.25 -1.29
C SER A 9 -5.39 2.93 -1.95
N ARG A 10 -6.12 3.00 -3.05
CA ARG A 10 -6.56 1.81 -3.77
C ARG A 10 -5.35 0.99 -4.25
N CYS A 11 -5.37 -0.30 -3.94
CA CYS A 11 -4.28 -1.18 -4.32
C CYS A 11 -4.68 -2.65 -4.14
N SER A 12 -3.97 -3.55 -4.82
CA SER A 12 -4.25 -4.97 -4.74
C SER A 12 -3.10 -5.71 -4.06
N PRO A 13 -3.40 -6.92 -3.56
CA PRO A 13 -2.41 -7.76 -2.86
C PRO A 13 -1.35 -8.30 -3.82
N LYS A 14 -1.76 -8.55 -5.06
CA LYS A 14 -0.84 -9.08 -6.08
C LYS A 14 -0.09 -7.94 -6.76
N ASN A 15 -0.77 -6.83 -6.98
CA ASN A 15 -0.16 -5.67 -7.63
C ASN A 15 -0.01 -4.52 -6.65
N ASP A 16 0.35 -4.84 -5.41
CA ASP A 16 0.53 -3.83 -4.38
C ASP A 16 1.60 -2.81 -4.78
N LYS A 17 1.16 -1.62 -5.15
CA LYS A 17 2.07 -0.56 -5.57
C LYS A 17 1.94 0.66 -4.66
N CYS A 18 2.37 0.53 -3.42
CA CYS A 18 2.29 1.62 -2.45
C CYS A 18 3.68 1.99 -1.95
N CYS A 19 3.82 3.20 -1.43
CA CYS A 19 5.09 3.69 -0.92
C CYS A 19 5.73 2.65 0.01
N PRO A 20 7.03 2.82 0.28
CA PRO A 20 7.78 1.90 1.15
C PRO A 20 7.36 2.03 2.62
N ASN A 21 7.73 1.03 3.41
CA ASN A 21 7.39 1.02 4.83
C ASN A 21 5.89 0.88 5.03
N TYR A 22 5.20 0.41 3.99
CA TYR A 22 3.76 0.22 4.06
C TYR A 22 3.38 -1.24 3.78
N LYS A 23 2.08 -1.50 3.72
CA LYS A 23 1.58 -2.85 3.47
C LYS A 23 0.21 -2.81 2.82
N CYS A 24 -0.04 -3.75 1.91
CA CYS A 24 -1.31 -3.82 1.21
C CYS A 24 -2.10 -5.06 1.64
N SER A 25 -3.12 -4.85 2.47
CA SER A 25 -3.95 -5.95 2.96
C SER A 25 -5.14 -6.18 2.04
N SER A 26 -5.41 -7.45 1.74
CA SER A 26 -6.53 -7.81 0.86
C SER A 26 -7.86 -7.53 1.54
N LYS A 27 -7.84 -7.46 2.87
CA LYS A 27 -9.05 -7.20 3.64
C LYS A 27 -9.77 -5.96 3.11
N ASP A 28 -9.09 -4.82 3.17
CA ASP A 28 -9.66 -3.57 2.71
C ASP A 28 -9.14 -3.22 1.32
N LEU A 29 -8.07 -3.90 0.90
CA LEU A 29 -7.48 -3.65 -0.41
C LEU A 29 -6.92 -2.25 -0.50
N TRP A 30 -6.26 -1.81 0.55
CA TRP A 30 -5.67 -0.47 0.59
C TRP A 30 -4.27 -0.50 1.19
N CYS A 31 -3.70 0.68 1.40
CA CYS A 31 -2.36 0.78 1.97
C CYS A 31 -2.43 1.06 3.47
N LYS A 32 -1.57 0.37 4.23
CA LYS A 32 -1.54 0.54 5.68
C LYS A 32 -0.11 0.71 6.18
N TYR A 33 0.08 1.61 7.13
CA TYR A 33 1.40 1.87 7.69
C TYR A 33 1.84 0.73 8.62
N LYS A 34 3.05 0.24 8.41
CA LYS A 34 3.59 -0.84 9.22
C LYS A 34 5.05 -0.58 9.59
N ILE A 35 5.41 -0.88 10.83
CA ILE A 35 6.78 -0.68 11.30
C ILE A 35 7.23 -1.84 12.17
N TRP A 36 8.36 -2.43 11.80
CA TRP A 36 8.90 -3.56 12.55
C TRP A 36 10.29 -3.22 13.11
N SER A 1 12.18 12.05 -9.53
CA SER A 1 10.86 12.01 -8.91
C SER A 1 10.41 10.58 -8.67
N GLU A 2 9.47 10.41 -7.75
CA GLU A 2 8.95 9.08 -7.42
C GLU A 2 7.44 9.02 -7.62
N ASP A 3 6.92 7.81 -7.81
CA ASP A 3 5.49 7.61 -8.01
C ASP A 3 4.99 6.40 -7.23
N CYS A 4 4.33 6.66 -6.11
CA CYS A 4 3.81 5.60 -5.27
C CYS A 4 2.51 6.03 -4.59
N LEU A 5 1.66 5.06 -4.28
CA LEU A 5 0.38 5.34 -3.63
C LEU A 5 0.58 5.64 -2.14
N GLY A 6 -0.25 6.52 -1.61
CA GLY A 6 -0.15 6.88 -0.21
C GLY A 6 -0.78 5.84 0.70
N ALA A 7 -1.30 6.28 1.84
CA ALA A 7 -1.93 5.38 2.80
C ALA A 7 -3.42 5.25 2.54
N PHE A 8 -3.97 4.07 2.79
CA PHE A 8 -5.39 3.82 2.58
C PHE A 8 -5.78 4.04 1.12
N SER A 9 -4.79 3.97 0.24
CA SER A 9 -5.01 4.17 -1.18
C SER A 9 -5.43 2.87 -1.86
N ARG A 10 -6.22 2.99 -2.93
CA ARG A 10 -6.68 1.82 -3.66
C ARG A 10 -5.52 1.02 -4.21
N CYS A 11 -5.43 -0.25 -3.81
CA CYS A 11 -4.36 -1.12 -4.25
C CYS A 11 -4.76 -2.59 -4.11
N SER A 12 -4.04 -3.46 -4.80
CA SER A 12 -4.32 -4.90 -4.75
C SER A 12 -3.19 -5.65 -4.05
N PRO A 13 -3.49 -6.86 -3.58
CA PRO A 13 -2.52 -7.71 -2.88
C PRO A 13 -1.43 -8.24 -3.81
N LYS A 14 -1.81 -8.47 -5.07
CA LYS A 14 -0.87 -8.97 -6.07
C LYS A 14 -0.13 -7.83 -6.75
N ASN A 15 -0.85 -6.72 -6.99
CA ASN A 15 -0.26 -5.56 -7.63
C ASN A 15 -0.08 -4.42 -6.64
N ASP A 16 0.30 -4.76 -5.42
CA ASP A 16 0.50 -3.77 -4.37
C ASP A 16 1.55 -2.75 -4.80
N LYS A 17 1.09 -1.54 -5.13
CA LYS A 17 1.99 -0.47 -5.56
C LYS A 17 1.84 0.75 -4.66
N CYS A 18 2.28 0.63 -3.41
CA CYS A 18 2.20 1.72 -2.45
C CYS A 18 3.58 2.11 -1.95
N CYS A 19 3.70 3.33 -1.44
CA CYS A 19 4.96 3.83 -0.92
C CYS A 19 5.62 2.80 -0.01
N PRO A 20 6.92 2.99 0.26
CA PRO A 20 7.70 2.09 1.12
C PRO A 20 7.28 2.20 2.59
N ASN A 21 7.66 1.20 3.38
CA ASN A 21 7.32 1.18 4.79
C ASN A 21 5.82 1.01 5.00
N TYR A 22 5.14 0.52 3.97
CA TYR A 22 3.70 0.32 4.04
C TYR A 22 3.34 -1.13 3.76
N LYS A 23 2.05 -1.42 3.71
CA LYS A 23 1.57 -2.77 3.45
C LYS A 23 0.18 -2.75 2.81
N CYS A 24 -0.06 -3.69 1.90
CA CYS A 24 -1.34 -3.78 1.22
C CYS A 24 -2.12 -5.00 1.69
N SER A 25 -3.18 -4.75 2.47
CA SER A 25 -4.01 -5.82 2.98
C SER A 25 -5.15 -6.14 2.02
N SER A 26 -5.33 -7.42 1.73
CA SER A 26 -6.38 -7.86 0.82
C SER A 26 -7.76 -7.67 1.46
N LYS A 27 -7.78 -7.55 2.77
CA LYS A 27 -9.03 -7.36 3.50
C LYS A 27 -9.80 -6.15 2.96
N ASP A 28 -9.18 -4.98 3.05
CA ASP A 28 -9.81 -3.75 2.57
C ASP A 28 -9.26 -3.37 1.20
N LEU A 29 -8.17 -3.99 0.81
CA LEU A 29 -7.54 -3.72 -0.47
C LEU A 29 -7.01 -2.29 -0.53
N TRP A 30 -6.33 -1.87 0.54
CA TRP A 30 -5.77 -0.53 0.61
C TRP A 30 -4.37 -0.56 1.21
N CYS A 31 -3.81 0.62 1.46
CA CYS A 31 -2.47 0.73 2.02
C CYS A 31 -2.53 0.98 3.52
N LYS A 32 -1.58 0.41 4.26
CA LYS A 32 -1.52 0.58 5.70
C LYS A 32 -0.09 0.80 6.16
N TYR A 33 0.09 1.70 7.13
CA TYR A 33 1.41 1.99 7.67
C TYR A 33 1.90 0.87 8.57
N LYS A 34 3.13 0.42 8.33
CA LYS A 34 3.72 -0.65 9.13
C LYS A 34 5.16 -0.33 9.49
N ILE A 35 5.48 -0.41 10.78
CA ILE A 35 6.83 -0.13 11.25
C ILE A 35 7.39 -1.31 12.04
N TRP A 36 8.54 -1.80 11.61
CA TRP A 36 9.18 -2.93 12.28
C TRP A 36 10.31 -2.45 13.19
N SER A 1 12.06 10.70 -11.01
CA SER A 1 10.64 10.90 -10.73
C SER A 1 10.05 9.69 -10.02
N GLU A 2 9.58 9.90 -8.79
CA GLU A 2 8.99 8.83 -8.01
C GLU A 2 7.48 9.01 -7.89
N ASP A 3 6.74 7.92 -8.09
CA ASP A 3 5.29 7.95 -8.01
C ASP A 3 4.75 6.72 -7.29
N CYS A 4 4.30 6.90 -6.06
CA CYS A 4 3.77 5.81 -5.27
C CYS A 4 2.45 6.20 -4.61
N LEU A 5 1.73 5.21 -4.08
CA LEU A 5 0.45 5.45 -3.42
C LEU A 5 0.65 5.71 -1.93
N GLY A 6 -0.27 6.49 -1.35
CA GLY A 6 -0.19 6.80 0.06
C GLY A 6 -0.90 5.78 0.93
N ALA A 7 -1.45 6.24 2.04
CA ALA A 7 -2.17 5.36 2.95
C ALA A 7 -3.66 5.29 2.61
N PHE A 8 -4.24 4.11 2.75
CA PHE A 8 -5.66 3.91 2.46
C PHE A 8 -5.94 4.17 0.98
N SER A 9 -4.92 3.99 0.15
CA SER A 9 -5.05 4.20 -1.30
C SER A 9 -5.42 2.90 -2.00
N ARG A 10 -6.11 3.03 -3.13
CA ARG A 10 -6.53 1.87 -3.90
C ARG A 10 -5.33 1.04 -4.35
N CYS A 11 -5.37 -0.26 -4.06
CA CYS A 11 -4.28 -1.16 -4.41
C CYS A 11 -4.70 -2.62 -4.21
N SER A 12 -3.94 -3.53 -4.81
CA SER A 12 -4.24 -4.95 -4.70
C SER A 12 -3.09 -5.69 -4.00
N PRO A 13 -3.39 -6.88 -3.47
CA PRO A 13 -2.40 -7.71 -2.77
C PRO A 13 -1.35 -8.28 -3.72
N LYS A 14 -1.75 -8.56 -4.95
CA LYS A 14 -0.84 -9.10 -5.95
C LYS A 14 -0.07 -8.00 -6.65
N ASN A 15 -0.74 -6.87 -6.89
CA ASN A 15 -0.11 -5.73 -7.54
C ASN A 15 0.05 -4.55 -6.58
N ASP A 16 0.40 -4.87 -5.34
CA ASP A 16 0.58 -3.83 -4.32
C ASP A 16 1.62 -2.81 -4.76
N LYS A 17 1.16 -1.62 -5.14
CA LYS A 17 2.05 -0.56 -5.58
C LYS A 17 1.91 0.68 -4.70
N CYS A 18 2.35 0.56 -3.45
CA CYS A 18 2.27 1.67 -2.51
C CYS A 18 3.66 2.06 -2.00
N CYS A 19 3.78 3.28 -1.49
CA CYS A 19 5.05 3.77 -0.98
C CYS A 19 5.70 2.75 -0.05
N PRO A 20 7.00 2.93 0.22
CA PRO A 20 7.77 2.04 1.09
C PRO A 20 7.34 2.15 2.55
N ASN A 21 7.71 1.16 3.34
CA ASN A 21 7.37 1.15 4.76
C ASN A 21 5.87 0.98 4.96
N TYR A 22 5.20 0.48 3.93
CA TYR A 22 3.75 0.27 3.99
C TYR A 22 3.40 -1.19 3.69
N LYS A 23 2.10 -1.46 3.64
CA LYS A 23 1.63 -2.82 3.36
C LYS A 23 0.20 -2.80 2.81
N CYS A 24 -0.02 -3.55 1.74
CA CYS A 24 -1.33 -3.62 1.12
C CYS A 24 -2.17 -4.75 1.71
N SER A 25 -3.17 -4.39 2.49
CA SER A 25 -4.05 -5.37 3.13
C SER A 25 -5.16 -5.80 2.18
N SER A 26 -5.22 -7.10 1.90
CA SER A 26 -6.24 -7.64 1.02
C SER A 26 -7.62 -7.57 1.65
N LYS A 27 -7.65 -7.31 2.96
CA LYS A 27 -8.91 -7.21 3.70
C LYS A 27 -9.73 -6.03 3.21
N ASP A 28 -9.10 -4.87 3.08
CA ASP A 28 -9.77 -3.66 2.63
C ASP A 28 -9.29 -3.27 1.23
N LEU A 29 -8.25 -3.95 0.75
CA LEU A 29 -7.69 -3.67 -0.56
C LEU A 29 -7.12 -2.25 -0.62
N TRP A 30 -6.44 -1.85 0.45
CA TRP A 30 -5.84 -0.52 0.51
C TRP A 30 -4.44 -0.58 1.10
N CYS A 31 -3.86 0.59 1.35
CA CYS A 31 -2.51 0.67 1.92
C CYS A 31 -2.57 0.93 3.42
N LYS A 32 -1.67 0.30 4.16
CA LYS A 32 -1.62 0.47 5.61
C LYS A 32 -0.17 0.62 6.08
N TYR A 33 0.03 1.51 7.05
CA TYR A 33 1.36 1.75 7.60
C TYR A 33 1.80 0.59 8.48
N LYS A 34 3.05 0.16 8.31
CA LYS A 34 3.60 -0.94 9.09
C LYS A 34 5.08 -0.71 9.38
N ILE A 35 5.43 -0.65 10.65
CA ILE A 35 6.82 -0.44 11.07
C ILE A 35 7.27 -1.51 12.05
N TRP A 36 8.04 -2.47 11.55
CA TRP A 36 8.54 -3.55 12.39
C TRP A 36 10.06 -3.63 12.31
#